data_7W1W
#
_entry.id   7W1W
#
_cell.length_a   50.879
_cell.length_b   81.558
_cell.length_c   68.896
_cell.angle_alpha   90.000
_cell.angle_beta   104.250
_cell.angle_gamma   90.000
#
_symmetry.space_group_name_H-M   'P 1 21 1'
#
loop_
_entity.id
_entity.type
_entity.pdbx_description
1 polymer AKR4-2
2 non-polymer 'NADPH DIHYDRO-NICOTINAMIDE-ADENINE-DINUCLEOTIDE PHOSPHATE'
3 water water
#
_entity_poly.entity_id   1
_entity_poly.type   'polypeptide(L)'
_entity_poly.pdbx_seq_one_letter_code
;GAGAGAGAGAGMARHFVLNTGAKIPSVGLGTWQSDPGVVGDAVYTAVKAGYRHIDCAKVYGNEKEIGLALKKLFEEGVVK
REDLFITSKLWNDRHAPEDVPEALNESLTDLQLDYLDLYLIHWPFRVKKGTNTSPENFITPDIPATWGAMEKCYDAGKAR
AIGVSNFSSKKLGDLLAVARVHPAVDQVECHPGWQQTKLHNFCQSTGVHLTAYSPLGSPGTTWMNGNVLKEPVIISIAEK
LGKTPAQVALRWNIQMGHSVLPKSTNEERIKQNLDVYDWSIPDDLLAKFSEIKQARLLRGNDIVNPQSVYKTHEELWDGE
L
;
_entity_poly.pdbx_strand_id   A,B
#
loop_
_chem_comp.id
_chem_comp.type
_chem_comp.name
_chem_comp.formula
NDP non-polymer 'NADPH DIHYDRO-NICOTINAMIDE-ADENINE-DINUCLEOTIDE PHOSPHATE' 'C21 H30 N7 O17 P3'
#
# COMPACT_ATOMS: atom_id res chain seq x y z
N ALA A 13 10.69 -10.13 36.53
CA ALA A 13 10.54 -10.92 35.25
C ALA A 13 9.70 -10.15 34.22
N ARG A 14 8.98 -9.10 34.65
CA ARG A 14 7.88 -8.46 33.85
C ARG A 14 8.41 -7.37 32.92
N HIS A 15 9.71 -7.12 32.89
CA HIS A 15 10.30 -6.14 31.95
C HIS A 15 11.70 -6.60 31.54
N PHE A 16 12.16 -6.07 30.42
CA PHE A 16 13.56 -6.15 29.95
C PHE A 16 14.10 -4.73 29.86
N VAL A 17 15.42 -4.60 29.83
CA VAL A 17 16.06 -3.27 29.89
C VAL A 17 16.65 -3.02 28.50
N LEU A 18 16.31 -1.87 27.94
CA LEU A 18 16.89 -1.43 26.64
C LEU A 18 18.22 -0.73 26.89
N ASN A 19 19.01 -0.61 25.84
CA ASN A 19 20.32 0.09 25.84
C ASN A 19 20.12 1.59 26.13
N THR A 20 18.90 2.13 26.06
CA THR A 20 18.59 3.53 26.43
C THR A 20 18.47 3.68 27.95
N GLY A 21 18.37 2.58 28.69
CA GLY A 21 18.07 2.55 30.14
C GLY A 21 16.59 2.28 30.42
N ALA A 22 15.72 2.52 29.45
CA ALA A 22 14.26 2.32 29.59
C ALA A 22 13.92 0.84 29.82
N LYS A 23 12.82 0.61 30.53
CA LYS A 23 12.26 -0.73 30.74
C LYS A 23 11.16 -0.97 29.70
N ILE A 24 11.24 -2.10 29.01
CA ILE A 24 10.17 -2.52 28.08
C ILE A 24 9.42 -3.67 28.77
N PRO A 25 8.09 -3.53 28.95
CA PRO A 25 7.29 -4.61 29.55
C PRO A 25 7.37 -5.83 28.64
N SER A 26 7.54 -7.00 29.24
CA SER A 26 7.85 -8.28 28.54
C SER A 26 6.69 -8.69 27.66
N VAL A 27 5.48 -8.30 28.02
CA VAL A 27 4.28 -8.60 27.19
C VAL A 27 3.71 -7.27 26.72
N GLY A 28 3.45 -7.19 25.42
CA GLY A 28 2.74 -6.08 24.77
C GLY A 28 1.53 -6.62 24.05
N LEU A 29 0.46 -5.84 23.99
CA LEU A 29 -0.70 -6.14 23.13
C LEU A 29 -0.37 -5.86 21.65
N GLY A 30 -0.49 -6.89 20.81
CA GLY A 30 -0.43 -6.74 19.36
C GLY A 30 -1.69 -6.12 18.87
N THR A 31 -1.62 -5.29 17.83
CA THR A 31 -2.82 -4.60 17.28
C THR A 31 -2.93 -4.75 15.76
N TRP A 32 -2.06 -5.56 15.15
CA TRP A 32 -2.24 -5.92 13.74
C TRP A 32 -3.53 -6.72 13.60
N GLN A 33 -4.41 -6.28 12.70
CA GLN A 33 -5.72 -6.93 12.40
C GLN A 33 -6.67 -6.80 13.59
N SER A 34 -6.43 -5.86 14.49
CA SER A 34 -7.46 -5.40 15.45
C SER A 34 -8.23 -4.25 14.81
N ASP A 35 -9.38 -4.55 14.22
CA ASP A 35 -10.14 -3.59 13.40
C ASP A 35 -10.49 -2.37 14.25
N PRO A 36 -10.69 -1.18 13.64
CA PRO A 36 -11.01 0.01 14.42
C PRO A 36 -12.16 -0.17 15.42
N GLY A 37 -13.19 -0.94 15.06
CA GLY A 37 -14.38 -1.12 15.90
C GLY A 37 -14.14 -1.94 17.16
N VAL A 38 -13.05 -2.72 17.23
CA VAL A 38 -12.79 -3.60 18.41
C VAL A 38 -11.48 -3.25 19.11
N VAL A 39 -10.55 -2.51 18.47
CA VAL A 39 -9.20 -2.32 19.08
C VAL A 39 -9.30 -1.54 20.41
N GLY A 40 -10.20 -0.57 20.50
CA GLY A 40 -10.34 0.31 21.67
C GLY A 40 -10.61 -0.49 22.93
N ASP A 41 -11.64 -1.33 22.91
CA ASP A 41 -12.00 -2.17 24.09
C ASP A 41 -10.85 -3.12 24.40
N ALA A 42 -10.19 -3.68 23.39
CA ALA A 42 -9.05 -4.62 23.56
C ALA A 42 -7.95 -3.90 24.35
N VAL A 43 -7.56 -2.70 23.92
CA VAL A 43 -6.48 -1.93 24.60
C VAL A 43 -6.94 -1.61 26.04
N TYR A 44 -8.16 -1.12 26.18
CA TYR A 44 -8.73 -0.71 27.48
C TYR A 44 -8.73 -1.91 28.44
N THR A 45 -9.24 -3.05 28.00
CA THR A 45 -9.29 -4.29 28.78
C THR A 45 -7.87 -4.76 29.11
N ALA A 46 -7.00 -4.75 28.11
CA ALA A 46 -5.62 -5.25 28.27
C ALA A 46 -4.95 -4.44 29.39
N VAL A 47 -5.03 -3.12 29.34
CA VAL A 47 -4.29 -2.26 30.34
C VAL A 47 -4.94 -2.44 31.71
N LYS A 48 -6.28 -2.47 31.77
CA LYS A 48 -6.96 -2.75 33.06
C LYS A 48 -6.47 -4.09 33.61
N ALA A 49 -6.22 -5.07 32.76
CA ALA A 49 -5.79 -6.42 33.17
C ALA A 49 -4.32 -6.41 33.59
N GLY A 50 -3.57 -5.33 33.37
CA GLY A 50 -2.14 -5.26 33.75
C GLY A 50 -1.16 -5.07 32.60
N TYR A 51 -1.59 -5.05 31.34
CA TYR A 51 -0.66 -4.74 30.21
C TYR A 51 -0.14 -3.31 30.35
N ARG A 52 1.12 -3.10 30.01
CA ARG A 52 1.76 -1.78 30.12
C ARG A 52 2.50 -1.49 28.81
N HIS A 53 2.19 -2.23 27.75
CA HIS A 53 2.89 -2.17 26.44
C HIS A 53 1.87 -2.47 25.35
N ILE A 54 1.75 -1.56 24.38
CA ILE A 54 0.89 -1.64 23.17
C ILE A 54 1.81 -1.52 21.95
N ASP A 55 1.71 -2.49 21.04
CA ASP A 55 2.48 -2.45 19.77
C ASP A 55 1.57 -1.99 18.63
N CYS A 56 1.92 -0.89 17.98
CA CYS A 56 1.09 -0.17 17.01
C CYS A 56 1.86 0.03 15.69
N ALA A 57 1.16 0.45 14.66
CA ALA A 57 1.75 0.89 13.38
C ALA A 57 0.70 1.69 12.63
N LYS A 58 1.15 2.73 11.94
CA LYS A 58 0.28 3.54 11.05
C LYS A 58 -0.45 2.57 10.12
N VAL A 59 0.30 1.64 9.56
CA VAL A 59 -0.22 0.75 8.49
C VAL A 59 -1.23 -0.25 9.05
N TYR A 60 -1.42 -0.35 10.36
CA TYR A 60 -2.51 -1.19 10.93
C TYR A 60 -3.88 -0.50 10.86
N GLY A 61 -3.92 0.80 10.58
CA GLY A 61 -5.15 1.55 10.23
C GLY A 61 -6.07 1.76 11.43
N ASN A 62 -5.51 1.77 12.64
CA ASN A 62 -6.32 1.79 13.88
C ASN A 62 -5.67 2.66 14.95
N GLU A 63 -4.68 3.48 14.63
CA GLU A 63 -4.00 4.23 15.73
C GLU A 63 -4.94 5.27 16.34
N LYS A 64 -5.84 5.88 15.56
CA LYS A 64 -6.81 6.86 16.14
C LYS A 64 -7.63 6.16 17.25
N GLU A 65 -8.11 4.95 17.00
CA GLU A 65 -8.99 4.24 17.99
C GLU A 65 -8.17 3.80 19.19
N ILE A 66 -6.91 3.43 18.96
CA ILE A 66 -5.96 3.16 20.06
C ILE A 66 -5.81 4.44 20.90
N GLY A 67 -5.62 5.59 20.27
CA GLY A 67 -5.45 6.89 20.97
C GLY A 67 -6.66 7.20 21.82
N LEU A 68 -7.86 6.95 21.29
CA LEU A 68 -9.12 7.13 22.05
C LEU A 68 -9.12 6.20 23.28
N ALA A 69 -8.70 4.94 23.17
CA ALA A 69 -8.66 4.02 24.35
C ALA A 69 -7.58 4.44 25.37
N LEU A 70 -6.40 4.88 24.92
CA LEU A 70 -5.36 5.42 25.84
C LEU A 70 -5.88 6.66 26.58
N LYS A 71 -6.56 7.56 25.87
CA LYS A 71 -7.15 8.77 26.47
C LYS A 71 -8.14 8.39 27.57
N LYS A 72 -9.00 7.42 27.32
CA LYS A 72 -9.99 6.89 28.30
C LYS A 72 -9.24 6.29 29.49
N LEU A 73 -8.23 5.47 29.27
CA LEU A 73 -7.44 4.89 30.37
C LEU A 73 -6.85 6.01 31.25
N PHE A 74 -6.29 7.05 30.64
CA PHE A 74 -5.65 8.14 31.40
C PHE A 74 -6.73 8.91 32.15
N GLU A 75 -7.86 9.20 31.50
CA GLU A 75 -8.93 10.05 32.09
C GLU A 75 -9.62 9.28 33.22
N GLU A 76 -9.65 7.95 33.19
CA GLU A 76 -10.28 7.15 34.27
C GLU A 76 -9.25 6.80 35.33
N GLY A 77 -8.00 7.20 35.13
CA GLY A 77 -6.93 7.02 36.10
C GLY A 77 -6.45 5.59 36.19
N VAL A 78 -6.65 4.77 35.14
CA VAL A 78 -6.24 3.34 35.17
C VAL A 78 -4.72 3.28 35.26
N VAL A 79 -4.08 4.13 34.45
CA VAL A 79 -2.61 4.35 34.40
C VAL A 79 -2.36 5.81 34.08
N LYS A 80 -1.12 6.23 34.29
CA LYS A 80 -0.55 7.48 33.75
C LYS A 80 0.24 7.12 32.50
N ARG A 81 0.50 8.12 31.67
CA ARG A 81 1.30 7.99 30.45
C ARG A 81 2.61 7.28 30.77
N GLU A 82 3.28 7.66 31.85
CA GLU A 82 4.65 7.17 32.14
C GLU A 82 4.62 5.67 32.42
N ASP A 83 3.48 5.13 32.85
CA ASP A 83 3.31 3.67 33.14
C ASP A 83 3.29 2.84 31.85
N LEU A 84 2.98 3.43 30.70
CA LEU A 84 2.78 2.67 29.43
C LEU A 84 4.00 2.79 28.50
N PHE A 85 4.18 1.74 27.71
CA PHE A 85 5.22 1.58 26.67
C PHE A 85 4.47 1.45 25.35
N ILE A 86 4.47 2.53 24.58
CA ILE A 86 3.77 2.57 23.26
C ILE A 86 4.78 2.57 22.14
N THR A 87 4.61 1.63 21.21
CA THR A 87 5.46 1.47 20.02
C THR A 87 4.66 1.82 18.78
N SER A 88 5.27 2.55 17.86
CA SER A 88 4.76 2.59 16.47
C SER A 88 5.91 2.43 15.50
N LYS A 89 5.60 2.44 14.22
CA LYS A 89 6.56 2.05 13.17
C LYS A 89 6.42 2.97 11.95
N LEU A 90 7.57 3.34 11.42
CA LEU A 90 7.74 4.09 10.17
C LEU A 90 7.48 3.18 8.96
N TRP A 91 6.48 3.54 8.16
CA TRP A 91 6.08 2.67 7.04
C TRP A 91 7.08 2.85 5.91
N ASN A 92 7.12 1.88 5.01
CA ASN A 92 8.10 1.74 3.91
C ASN A 92 8.08 2.96 2.99
N ASP A 93 7.01 3.75 2.96
CA ASP A 93 6.90 4.90 2.02
C ASP A 93 7.43 6.17 2.69
N ARG A 94 7.87 6.13 3.96
CA ARG A 94 8.29 7.34 4.72
C ARG A 94 9.78 7.30 5.04
N HIS A 95 10.56 6.58 4.25
CA HIS A 95 12.01 6.40 4.51
C HIS A 95 12.81 7.66 4.18
N ALA A 96 12.32 8.55 3.30
CA ALA A 96 13.10 9.77 2.98
C ALA A 96 13.33 10.54 4.29
N PRO A 97 14.57 11.00 4.56
CA PRO A 97 14.87 11.58 5.87
C PRO A 97 13.93 12.73 6.25
N GLU A 98 13.48 13.48 5.25
CA GLU A 98 12.62 14.64 5.52
C GLU A 98 11.23 14.11 5.93
N ASP A 99 10.90 12.88 5.56
CA ASP A 99 9.54 12.31 5.74
C ASP A 99 9.40 11.68 7.12
N VAL A 100 10.51 11.28 7.75
CA VAL A 100 10.53 10.47 8.98
C VAL A 100 9.84 11.23 10.14
N PRO A 101 10.25 12.48 10.45
CA PRO A 101 9.68 13.18 11.61
C PRO A 101 8.19 13.46 11.39
N GLU A 102 7.78 13.68 10.13
CA GLU A 102 6.37 13.98 9.78
C GLU A 102 5.53 12.71 10.02
N ALA A 103 6.06 11.55 9.65
CA ALA A 103 5.37 10.26 9.89
C ALA A 103 5.25 10.02 11.40
N LEU A 104 6.31 10.26 12.17
CA LEU A 104 6.24 10.11 13.64
C LEU A 104 5.15 11.03 14.18
N ASN A 105 5.13 12.28 13.72
CA ASN A 105 4.17 13.29 14.21
C ASN A 105 2.75 12.83 13.86
N GLU A 106 2.55 12.22 12.69
CA GLU A 106 1.21 11.70 12.33
C GLU A 106 0.75 10.67 13.36
N SER A 107 1.63 9.74 13.76
CA SER A 107 1.28 8.68 14.72
C SER A 107 1.06 9.30 16.10
N LEU A 108 1.95 10.21 16.52
CA LEU A 108 1.74 10.95 17.79
C LEU A 108 0.37 11.64 17.79
N THR A 109 -0.04 12.24 16.66
CA THR A 109 -1.33 12.96 16.62
C THR A 109 -2.45 11.94 16.76
N ASP A 110 -2.41 10.85 15.99
CA ASP A 110 -3.49 9.82 16.02
C ASP A 110 -3.56 9.17 17.40
N LEU A 111 -2.42 8.80 17.99
CA LEU A 111 -2.38 8.14 19.30
C LEU A 111 -2.65 9.15 20.41
N GLN A 112 -2.63 10.44 20.08
CA GLN A 112 -2.81 11.59 21.01
C GLN A 112 -1.78 11.50 22.15
N LEU A 113 -0.51 11.29 21.78
CA LEU A 113 0.63 11.16 22.70
C LEU A 113 1.62 12.26 22.33
N ASP A 114 2.39 12.68 23.32
CA ASP A 114 3.50 13.65 23.13
C ASP A 114 4.76 12.94 22.68
N TYR A 115 4.94 11.68 23.09
CA TYR A 115 6.14 10.89 22.72
C TYR A 115 5.74 9.43 22.52
N LEU A 116 6.56 8.69 21.79
CA LEU A 116 6.46 7.22 21.75
C LEU A 116 7.59 6.69 22.62
N ASP A 117 7.39 5.54 23.25
CA ASP A 117 8.48 4.84 23.95
C ASP A 117 9.42 4.20 22.92
N LEU A 118 8.93 3.88 21.73
CA LEU A 118 9.72 3.19 20.69
C LEU A 118 9.13 3.50 19.31
N TYR A 119 10.00 3.89 18.38
CA TYR A 119 9.66 4.08 16.97
C TYR A 119 10.62 3.25 16.16
N LEU A 120 10.08 2.39 15.30
CA LEU A 120 10.85 1.37 14.58
C LEU A 120 10.82 1.68 13.11
N ILE A 121 11.92 1.46 12.39
CA ILE A 121 11.83 1.26 10.92
C ILE A 121 11.08 -0.06 10.71
N HIS A 122 9.96 -0.05 10.00
CA HIS A 122 9.05 -1.21 9.94
C HIS A 122 9.75 -2.33 9.18
N TRP A 123 10.41 -2.00 8.07
CA TRP A 123 11.09 -2.97 7.17
C TRP A 123 12.35 -2.34 6.59
N PRO A 124 13.38 -3.14 6.28
CA PRO A 124 14.53 -2.64 5.52
C PRO A 124 14.12 -2.54 4.05
N PHE A 125 13.06 -1.79 3.77
CA PHE A 125 12.42 -1.81 2.44
C PHE A 125 11.71 -0.49 2.24
N ARG A 126 11.82 0.06 1.03
CA ARG A 126 11.39 1.45 0.74
C ARG A 126 10.53 1.49 -0.52
N VAL A 127 9.47 2.26 -0.50
CA VAL A 127 8.72 2.63 -1.73
C VAL A 127 8.59 4.16 -1.78
N LYS A 128 8.23 4.67 -2.95
CA LYS A 128 7.99 6.11 -3.14
C LYS A 128 6.90 6.59 -2.20
N LYS A 129 7.13 7.76 -1.63
CA LYS A 129 6.18 8.37 -0.68
C LYS A 129 4.78 8.44 -1.30
N GLY A 130 3.80 7.90 -0.58
CA GLY A 130 2.36 8.02 -0.84
C GLY A 130 1.91 7.02 -1.89
N THR A 131 2.78 6.09 -2.28
CA THR A 131 2.40 5.07 -3.29
C THR A 131 2.02 3.75 -2.61
N ASN A 132 1.49 2.86 -3.44
CA ASN A 132 1.00 1.53 -3.04
C ASN A 132 2.16 0.55 -3.18
N THR A 133 2.06 -0.60 -2.50
CA THR A 133 3.05 -1.70 -2.65
C THR A 133 2.81 -2.31 -4.03
N SER A 134 3.76 -2.12 -4.94
CA SER A 134 3.70 -2.50 -6.38
C SER A 134 5.09 -2.23 -6.90
N PRO A 135 5.67 -3.15 -7.70
CA PRO A 135 7.11 -3.11 -7.95
C PRO A 135 7.65 -1.83 -8.59
N GLU A 136 6.83 -1.05 -9.31
CA GLU A 136 7.33 0.16 -9.99
C GLU A 136 7.61 1.23 -8.93
N ASN A 137 7.09 1.04 -7.71
CA ASN A 137 7.17 2.05 -6.63
C ASN A 137 8.37 1.74 -5.73
N PHE A 138 9.05 0.62 -5.93
CA PHE A 138 10.25 0.22 -5.15
C PHE A 138 11.35 1.26 -5.43
N ILE A 139 11.97 1.74 -4.35
CA ILE A 139 13.14 2.65 -4.28
C ILE A 139 14.21 1.91 -3.48
N THR A 140 15.47 1.98 -3.92
CA THR A 140 16.66 1.52 -3.17
C THR A 140 16.61 2.09 -1.75
N PRO A 141 16.61 1.25 -0.69
CA PRO A 141 16.69 1.75 0.67
C PRO A 141 17.96 2.58 0.86
N ASP A 142 17.86 3.57 1.74
CA ASP A 142 19.02 4.31 2.27
C ASP A 142 18.88 4.29 3.79
N ILE A 143 19.13 3.14 4.39
CA ILE A 143 18.85 2.88 5.84
C ILE A 143 19.66 3.84 6.69
N PRO A 144 20.96 4.08 6.40
CA PRO A 144 21.72 5.10 7.14
C PRO A 144 21.08 6.48 7.15
N ALA A 145 20.59 6.99 6.01
CA ALA A 145 19.94 8.31 5.98
C ALA A 145 18.64 8.28 6.80
N THR A 146 17.82 7.23 6.62
CA THR A 146 16.55 7.04 7.38
C THR A 146 16.86 6.97 8.89
N TRP A 147 17.83 6.16 9.26
CA TRP A 147 18.26 6.08 10.69
C TRP A 147 18.67 7.48 11.18
N GLY A 148 19.44 8.21 10.38
CA GLY A 148 19.89 9.56 10.81
C GLY A 148 18.73 10.43 11.22
N ALA A 149 17.63 10.37 10.44
CA ALA A 149 16.37 11.09 10.74
C ALA A 149 15.73 10.48 12.01
N MET A 150 15.79 9.16 12.18
CA MET A 150 15.26 8.48 13.41
C MET A 150 16.05 9.01 14.62
N GLU A 151 17.36 9.18 14.47
CA GLU A 151 18.21 9.66 15.58
C GLU A 151 17.79 11.07 15.99
N LYS A 152 17.39 11.96 15.06
CA LYS A 152 16.96 13.33 15.43
C LYS A 152 15.62 13.24 16.19
N CYS A 153 14.76 12.28 15.85
CA CYS A 153 13.49 12.05 16.57
C CYS A 153 13.81 11.62 18.01
N TYR A 154 14.84 10.80 18.18
CA TYR A 154 15.36 10.39 19.52
C TYR A 154 15.91 11.62 20.26
N ASP A 155 16.84 12.36 19.66
CA ASP A 155 17.37 13.61 20.28
C ASP A 155 16.19 14.47 20.78
N ALA A 156 15.12 14.59 20.00
CA ALA A 156 13.97 15.48 20.32
C ALA A 156 13.14 14.89 21.47
N GLY A 157 13.36 13.63 21.83
CA GLY A 157 12.54 12.98 22.88
C GLY A 157 11.16 12.62 22.35
N LYS A 158 10.92 12.71 21.04
CA LYS A 158 9.60 12.35 20.47
C LYS A 158 9.49 10.84 20.32
N ALA A 159 10.63 10.18 20.14
CA ALA A 159 10.79 8.72 20.24
C ALA A 159 11.86 8.46 21.31
N ARG A 160 11.47 7.98 22.48
CA ARG A 160 12.39 7.87 23.63
C ARG A 160 13.38 6.72 23.36
N ALA A 161 12.96 5.78 22.52
CA ALA A 161 13.84 4.76 21.94
C ALA A 161 13.49 4.67 20.47
N ILE A 162 14.49 4.38 19.66
CA ILE A 162 14.33 4.09 18.22
C ILE A 162 14.90 2.70 17.95
N GLY A 163 14.31 2.01 16.96
CA GLY A 163 14.77 0.67 16.62
C GLY A 163 14.39 0.29 15.24
N VAL A 164 14.51 -1.00 14.94
CA VAL A 164 14.24 -1.56 13.61
C VAL A 164 13.39 -2.81 13.77
N SER A 165 12.86 -3.28 12.66
CA SER A 165 12.00 -4.46 12.63
C SER A 165 12.33 -5.18 11.33
N ASN A 166 12.34 -6.50 11.36
CA ASN A 166 12.58 -7.32 10.15
C ASN A 166 14.02 -7.12 9.66
N PHE A 167 14.95 -6.82 10.56
CA PHE A 167 16.39 -6.68 10.20
C PHE A 167 17.09 -7.97 10.60
N SER A 168 17.71 -8.64 9.64
CA SER A 168 18.61 -9.80 9.86
C SER A 168 19.75 -9.35 10.79
N SER A 169 20.53 -10.29 11.32
CA SER A 169 21.71 -9.95 12.14
C SER A 169 22.71 -9.20 11.24
N LYS A 170 22.80 -9.56 9.97
CA LYS A 170 23.72 -8.83 9.03
C LYS A 170 23.29 -7.37 8.89
N LYS A 171 22.02 -7.12 8.59
CA LYS A 171 21.55 -5.73 8.36
C LYS A 171 21.59 -4.95 9.68
N LEU A 172 21.26 -5.60 10.81
CA LEU A 172 21.36 -4.95 12.13
C LEU A 172 22.82 -4.54 12.40
N GLY A 173 23.78 -5.42 12.19
CA GLY A 173 25.21 -5.10 12.34
C GLY A 173 25.68 -3.98 11.42
N ASP A 174 25.27 -4.01 10.14
CA ASP A 174 25.60 -2.94 9.17
C ASP A 174 25.12 -1.60 9.73
N LEU A 175 23.93 -1.54 10.34
CA LEU A 175 23.36 -0.27 10.86
C LEU A 175 24.09 0.12 12.16
N LEU A 176 24.33 -0.83 13.08
CA LEU A 176 25.04 -0.55 14.35
C LEU A 176 26.38 0.16 14.06
N ALA A 177 27.06 -0.23 13.00
CA ALA A 177 28.40 0.26 12.61
C ALA A 177 28.37 1.77 12.30
N VAL A 178 27.24 2.35 11.88
CA VAL A 178 27.18 3.79 11.50
C VAL A 178 26.26 4.55 12.45
N ALA A 179 25.62 3.90 13.43
CA ALA A 179 24.59 4.53 14.27
C ALA A 179 25.27 5.34 15.37
N ARG A 180 24.89 6.59 15.57
CA ARG A 180 25.33 7.30 16.78
C ARG A 180 24.38 6.98 17.93
N VAL A 181 23.17 6.52 17.65
CA VAL A 181 22.23 5.97 18.66
C VAL A 181 21.93 4.56 18.19
N HIS A 182 22.45 3.58 18.87
CA HIS A 182 22.21 2.17 18.52
C HIS A 182 20.70 1.91 18.49
N PRO A 183 20.18 1.12 17.53
CA PRO A 183 18.85 0.52 17.67
C PRO A 183 18.70 -0.13 19.05
N ALA A 184 17.58 0.16 19.68
CA ALA A 184 17.22 -0.34 21.03
C ALA A 184 16.61 -1.73 20.87
N VAL A 185 15.91 -1.93 19.76
CA VAL A 185 15.06 -3.12 19.50
C VAL A 185 15.19 -3.50 18.04
N ASP A 186 15.19 -4.81 17.79
CA ASP A 186 14.93 -5.44 16.49
C ASP A 186 13.68 -6.30 16.68
N GLN A 187 12.54 -5.85 16.20
CA GLN A 187 11.27 -6.60 16.35
C GLN A 187 11.16 -7.53 15.14
N VAL A 188 11.17 -8.84 15.42
CA VAL A 188 11.17 -9.88 14.38
C VAL A 188 10.17 -10.97 14.75
N GLU A 189 9.78 -11.72 13.74
CA GLU A 189 9.02 -12.96 13.91
C GLU A 189 9.83 -13.88 14.82
N CYS A 190 9.23 -14.31 15.92
CA CYS A 190 9.96 -15.23 16.82
C CYS A 190 8.94 -15.96 17.67
N HIS A 191 9.02 -17.27 17.66
CA HIS A 191 8.06 -18.20 18.32
C HIS A 191 8.68 -19.59 18.23
N PRO A 192 8.09 -20.61 18.86
CA PRO A 192 8.63 -21.96 18.82
C PRO A 192 8.93 -22.51 17.43
N GLY A 193 8.21 -22.04 16.40
CA GLY A 193 8.36 -22.46 15.00
C GLY A 193 9.48 -21.73 14.28
N TRP A 194 10.01 -20.68 14.89
CA TRP A 194 11.00 -19.78 14.26
C TRP A 194 11.80 -19.08 15.36
N GLN A 195 12.79 -19.79 15.88
CA GLN A 195 13.43 -19.48 17.19
C GLN A 195 14.53 -18.41 17.06
N GLN A 196 15.01 -18.09 15.86
CA GLN A 196 15.89 -16.92 15.64
C GLN A 196 17.16 -17.02 16.48
N THR A 197 17.77 -18.20 16.63
CA THR A 197 18.93 -18.32 17.54
C THR A 197 20.05 -17.37 17.10
N LYS A 198 20.35 -17.25 15.81
CA LYS A 198 21.50 -16.39 15.38
C LYS A 198 21.23 -14.94 15.82
N LEU A 199 20.06 -14.40 15.49
CA LEU A 199 19.76 -13.00 15.83
C LEU A 199 19.66 -12.86 17.34
N HIS A 200 19.08 -13.84 18.03
CA HIS A 200 19.04 -13.85 19.51
C HIS A 200 20.45 -13.59 20.07
N ASN A 201 21.41 -14.40 19.62
CA ASN A 201 22.82 -14.31 20.10
C ASN A 201 23.38 -12.95 19.69
N PHE A 202 23.12 -12.54 18.46
CA PHE A 202 23.67 -11.25 17.95
C PHE A 202 23.15 -10.09 18.81
N CYS A 203 21.85 -10.07 19.06
CA CYS A 203 21.19 -9.01 19.86
C CYS A 203 21.80 -9.00 21.28
N GLN A 204 21.89 -10.17 21.95
CA GLN A 204 22.55 -10.32 23.28
C GLN A 204 23.96 -9.70 23.23
N SER A 205 24.72 -9.96 22.17
CA SER A 205 26.14 -9.55 22.07
C SER A 205 26.26 -8.04 21.79
N THR A 206 25.24 -7.39 21.26
CA THR A 206 25.32 -5.97 20.84
C THR A 206 24.45 -5.10 21.75
N GLY A 207 23.69 -5.71 22.68
CA GLY A 207 22.82 -5.03 23.65
C GLY A 207 21.54 -4.56 23.00
N VAL A 208 21.20 -5.14 21.85
CA VAL A 208 19.92 -4.80 21.16
C VAL A 208 18.88 -5.74 21.74
N HIS A 209 17.69 -5.24 22.02
CA HIS A 209 16.58 -6.06 22.54
C HIS A 209 15.83 -6.70 21.37
N LEU A 210 15.48 -7.97 21.52
CA LEU A 210 14.69 -8.72 20.51
C LEU A 210 13.25 -8.78 21.02
N THR A 211 12.34 -8.12 20.32
CA THR A 211 10.90 -8.26 20.54
C THR A 211 10.34 -9.25 19.53
N ALA A 212 9.66 -10.26 20.06
CA ALA A 212 9.04 -11.32 19.26
C ALA A 212 7.67 -10.85 18.78
N TYR A 213 7.50 -10.64 17.47
CA TYR A 213 6.16 -10.49 16.85
C TYR A 213 5.65 -11.87 16.42
N SER A 214 4.36 -11.96 16.16
CA SER A 214 3.63 -13.23 15.88
C SER A 214 4.09 -14.33 16.84
N PRO A 215 4.10 -14.10 18.17
CA PRO A 215 4.62 -15.08 19.13
C PRO A 215 3.76 -16.34 19.28
N LEU A 216 2.54 -16.34 18.76
CA LEU A 216 1.64 -17.51 18.71
C LEU A 216 1.71 -18.13 17.32
N GLY A 217 2.50 -17.54 16.43
CA GLY A 217 2.53 -17.92 15.00
C GLY A 217 1.33 -17.41 14.23
N SER A 218 0.71 -16.31 14.69
CA SER A 218 -0.39 -15.58 13.98
C SER A 218 -1.43 -16.54 13.42
N PRO A 219 -2.06 -17.40 14.27
CA PRO A 219 -3.01 -18.41 13.78
C PRO A 219 -4.25 -17.83 13.10
N GLY A 220 -4.54 -16.55 13.32
CA GLY A 220 -5.65 -15.85 12.64
C GLY A 220 -5.30 -15.36 11.25
N THR A 221 -4.06 -15.55 10.78
CA THR A 221 -3.59 -15.06 9.45
C THR A 221 -3.35 -16.30 8.55
N THR A 222 -4.27 -16.67 7.66
CA THR A 222 -4.12 -17.98 6.97
C THR A 222 -2.91 -17.94 6.03
N TRP A 223 -2.69 -16.82 5.35
CA TRP A 223 -1.58 -16.68 4.37
C TRP A 223 -0.23 -16.86 5.06
N MET A 224 -0.16 -16.79 6.39
CA MET A 224 1.13 -16.99 7.10
C MET A 224 1.36 -18.49 7.34
N ASN A 225 0.33 -19.34 7.29
CA ASN A 225 0.49 -20.81 7.33
C ASN A 225 0.99 -21.29 8.72
N GLY A 226 0.73 -20.56 9.81
CA GLY A 226 1.24 -20.91 11.15
C GLY A 226 0.51 -22.07 11.79
N ASN A 227 1.23 -22.92 12.54
CA ASN A 227 0.69 -24.14 13.19
C ASN A 227 1.27 -24.26 14.61
N VAL A 228 1.77 -23.16 15.16
CA VAL A 228 2.65 -23.22 16.37
C VAL A 228 1.87 -23.77 17.56
N LEU A 229 0.59 -23.43 17.73
CA LEU A 229 -0.14 -23.90 18.95
C LEU A 229 -0.56 -25.37 18.79
N LYS A 230 -0.44 -25.93 17.58
CA LYS A 230 -0.81 -27.35 17.31
C LYS A 230 0.44 -28.24 17.37
N GLU A 231 1.63 -27.66 17.61
CA GLU A 231 2.90 -28.43 17.68
C GLU A 231 2.81 -29.44 18.82
N PRO A 232 3.05 -30.76 18.56
CA PRO A 232 3.04 -31.77 19.61
C PRO A 232 3.86 -31.40 20.85
N VAL A 233 5.05 -30.84 20.64
CA VAL A 233 5.96 -30.44 21.75
C VAL A 233 5.23 -29.40 22.61
N ILE A 234 4.57 -28.41 21.99
CA ILE A 234 3.84 -27.34 22.71
C ILE A 234 2.67 -27.98 23.44
N ILE A 235 1.87 -28.80 22.73
CA ILE A 235 0.67 -29.40 23.38
C ILE A 235 1.16 -30.25 24.55
N SER A 236 2.25 -31.01 24.40
CA SER A 236 2.76 -31.90 25.48
C SER A 236 3.15 -31.08 26.72
N ILE A 237 3.96 -30.03 26.54
CA ILE A 237 4.47 -29.19 27.66
C ILE A 237 3.27 -28.50 28.32
N ALA A 238 2.31 -27.98 27.55
CA ALA A 238 1.08 -27.37 28.07
C ALA A 238 0.37 -28.38 28.97
N GLU A 239 0.23 -29.62 28.50
CA GLU A 239 -0.53 -30.64 29.26
C GLU A 239 0.30 -30.96 30.51
N LYS A 240 1.61 -31.12 30.35
CA LYS A 240 2.50 -31.44 31.50
C LYS A 240 2.47 -30.35 32.58
N LEU A 241 2.44 -29.07 32.21
CA LEU A 241 2.51 -27.94 33.17
C LEU A 241 1.13 -27.39 33.55
N GLY A 242 0.02 -27.92 33.00
CA GLY A 242 -1.32 -27.35 33.28
C GLY A 242 -1.45 -25.93 32.74
N LYS A 243 -0.87 -25.65 31.58
CA LYS A 243 -0.95 -24.31 30.92
C LYS A 243 -1.61 -24.49 29.56
N THR A 244 -2.01 -23.40 28.91
CA THR A 244 -2.47 -23.48 27.49
C THR A 244 -1.24 -23.53 26.57
N PRO A 245 -1.38 -24.11 25.35
CA PRO A 245 -0.35 -23.99 24.32
C PRO A 245 0.12 -22.53 24.12
N ALA A 246 -0.79 -21.54 24.14
CA ALA A 246 -0.39 -20.12 23.99
C ALA A 246 0.53 -19.73 25.14
N GLN A 247 0.13 -20.07 26.36
CA GLN A 247 0.94 -19.72 27.54
C GLN A 247 2.35 -20.30 27.38
N VAL A 248 2.46 -21.54 26.93
CA VAL A 248 3.77 -22.22 26.75
C VAL A 248 4.59 -21.50 25.68
N ALA A 249 3.97 -21.15 24.55
CA ALA A 249 4.67 -20.44 23.45
C ALA A 249 5.22 -19.09 23.97
N LEU A 250 4.40 -18.35 24.69
CA LEU A 250 4.73 -16.99 25.21
C LEU A 250 5.86 -17.12 26.24
N ARG A 251 5.68 -18.03 27.19
CA ARG A 251 6.67 -18.20 28.29
C ARG A 251 8.05 -18.58 27.70
N TRP A 252 8.07 -19.41 26.66
CA TRP A 252 9.33 -19.83 25.99
C TRP A 252 10.09 -18.58 25.58
N ASN A 253 9.40 -17.67 24.90
CA ASN A 253 10.01 -16.44 24.37
C ASN A 253 10.52 -15.60 25.54
N ILE A 254 9.73 -15.49 26.60
CA ILE A 254 10.12 -14.67 27.78
C ILE A 254 11.40 -15.28 28.40
N GLN A 255 11.49 -16.59 28.53
CA GLN A 255 12.69 -17.30 29.08
C GLN A 255 13.91 -17.12 28.18
N MET A 256 13.74 -16.81 26.89
CA MET A 256 14.86 -16.47 25.97
C MET A 256 15.26 -15.00 26.13
N GLY A 257 14.58 -14.23 26.97
CA GLY A 257 14.87 -12.80 27.17
C GLY A 257 14.22 -11.91 26.12
N HIS A 258 13.18 -12.41 25.45
CA HIS A 258 12.44 -11.68 24.38
C HIS A 258 11.13 -11.15 24.94
N SER A 259 10.80 -9.91 24.57
CA SER A 259 9.43 -9.41 24.77
C SER A 259 8.55 -10.09 23.74
N VAL A 260 7.27 -10.21 24.02
CA VAL A 260 6.28 -10.85 23.13
C VAL A 260 5.10 -9.89 22.93
N LEU A 261 4.48 -9.95 21.75
CA LEU A 261 3.39 -9.03 21.35
C LEU A 261 2.13 -9.82 21.03
N PRO A 262 1.62 -10.72 21.91
CA PRO A 262 0.41 -11.46 21.56
C PRO A 262 -0.74 -10.51 21.21
N LYS A 263 -1.36 -10.76 20.07
CA LYS A 263 -2.56 -9.99 19.64
C LYS A 263 -3.83 -10.73 20.04
N SER A 264 -4.77 -10.05 20.70
CA SER A 264 -6.09 -10.59 21.01
C SER A 264 -7.06 -9.41 21.12
N THR A 265 -8.31 -9.64 20.74
CA THR A 265 -9.43 -8.73 21.07
C THR A 265 -10.41 -9.47 21.98
N ASN A 266 -10.03 -10.62 22.52
CA ASN A 266 -10.88 -11.46 23.40
C ASN A 266 -10.41 -11.30 24.84
N GLU A 267 -11.30 -10.89 25.75
CA GLU A 267 -10.90 -10.55 27.13
C GLU A 267 -10.18 -11.75 27.79
N GLU A 268 -10.75 -12.94 27.72
CA GLU A 268 -10.19 -14.18 28.36
C GLU A 268 -8.77 -14.48 27.81
N ARG A 269 -8.58 -14.42 26.51
CA ARG A 269 -7.25 -14.68 25.90
C ARG A 269 -6.31 -13.51 26.26
N ILE A 270 -6.80 -12.26 26.29
CA ILE A 270 -5.95 -11.11 26.68
C ILE A 270 -5.38 -11.38 28.08
N LYS A 271 -6.23 -11.83 29.00
CA LYS A 271 -5.78 -12.16 30.37
C LYS A 271 -4.81 -13.34 30.37
N GLN A 272 -5.16 -14.42 29.69
CA GLN A 272 -4.29 -15.62 29.67
C GLN A 272 -2.91 -15.27 29.11
N ASN A 273 -2.83 -14.31 28.19
CA ASN A 273 -1.58 -14.00 27.46
C ASN A 273 -0.65 -13.22 28.38
N LEU A 274 -1.18 -12.63 29.46
CA LEU A 274 -0.36 -11.93 30.48
C LEU A 274 0.06 -12.90 31.59
N ASP A 275 -0.58 -14.08 31.68
CA ASP A 275 -0.34 -15.07 32.78
C ASP A 275 0.89 -15.90 32.42
N VAL A 276 2.05 -15.26 32.32
CA VAL A 276 3.28 -15.91 31.81
C VAL A 276 4.45 -15.53 32.69
N TYR A 277 4.19 -15.13 33.93
CA TYR A 277 5.23 -14.58 34.83
C TYR A 277 5.48 -15.45 36.08
N ASP A 278 4.46 -16.02 36.70
CA ASP A 278 4.60 -16.61 38.06
C ASP A 278 4.88 -18.11 37.97
N TRP A 279 5.22 -18.63 36.79
CA TRP A 279 5.52 -20.05 36.54
C TRP A 279 6.57 -20.08 35.43
N SER A 280 7.22 -21.22 35.24
CA SER A 280 8.38 -21.41 34.33
C SER A 280 8.22 -22.72 33.59
N ILE A 281 8.87 -22.81 32.43
CA ILE A 281 9.15 -24.08 31.70
C ILE A 281 10.44 -24.66 32.27
N PRO A 282 10.37 -25.83 32.94
CA PRO A 282 11.57 -26.49 33.43
C PRO A 282 12.60 -26.69 32.31
N ASP A 283 13.89 -26.68 32.64
CA ASP A 283 15.00 -26.84 31.66
C ASP A 283 14.82 -28.07 30.80
N ASP A 284 14.34 -29.17 31.38
CA ASP A 284 14.19 -30.44 30.62
C ASP A 284 13.11 -30.25 29.55
N LEU A 285 12.07 -29.47 29.82
CA LEU A 285 11.03 -29.29 28.79
C LEU A 285 11.55 -28.25 27.78
N LEU A 286 12.34 -27.27 28.21
CA LEU A 286 12.96 -26.30 27.26
C LEU A 286 13.76 -27.08 26.21
N ALA A 287 14.43 -28.17 26.60
CA ALA A 287 15.21 -29.02 25.67
C ALA A 287 14.32 -29.53 24.52
N LYS A 288 13.01 -29.74 24.73
CA LYS A 288 12.12 -30.36 23.71
C LYS A 288 11.86 -29.40 22.52
N PHE A 289 12.16 -28.10 22.67
CA PHE A 289 11.89 -27.07 21.63
C PHE A 289 12.81 -27.33 20.43
N SER A 290 13.85 -28.15 20.61
CA SER A 290 14.79 -28.67 19.59
C SER A 290 14.06 -29.50 18.52
N GLU A 291 12.97 -30.15 18.91
CA GLU A 291 12.24 -31.13 18.08
C GLU A 291 11.26 -30.41 17.17
N ILE A 292 11.10 -29.09 17.30
CA ILE A 292 10.05 -28.37 16.53
C ILE A 292 10.65 -28.01 15.17
N LYS A 293 10.02 -28.43 14.07
CA LYS A 293 10.46 -28.04 12.71
C LYS A 293 10.40 -26.51 12.66
N GLN A 294 11.40 -25.89 12.04
CA GLN A 294 11.52 -24.41 11.89
C GLN A 294 11.08 -23.97 10.50
N ALA A 295 10.23 -22.95 10.44
CA ALA A 295 9.79 -22.32 9.18
C ALA A 295 9.38 -20.87 9.50
N ARG A 296 9.92 -19.95 8.73
CA ARG A 296 9.51 -18.53 8.77
C ARG A 296 8.09 -18.45 8.21
N LEU A 297 7.21 -17.80 8.93
CA LEU A 297 5.81 -17.68 8.48
C LEU A 297 5.61 -16.39 7.70
N LEU A 298 6.29 -15.30 8.09
CA LEU A 298 6.10 -13.98 7.42
C LEU A 298 7.32 -13.75 6.53
N ARG A 299 7.22 -14.18 5.27
CA ARG A 299 8.43 -14.38 4.44
C ARG A 299 8.77 -13.13 3.63
N GLY A 300 7.85 -12.17 3.52
CA GLY A 300 8.08 -10.95 2.72
C GLY A 300 8.07 -11.24 1.22
N ASN A 301 7.16 -12.12 0.79
CA ASN A 301 7.04 -12.61 -0.61
C ASN A 301 6.86 -11.42 -1.56
N ASP A 302 6.15 -10.38 -1.11
CA ASP A 302 5.75 -9.22 -1.94
C ASP A 302 6.90 -8.22 -2.10
N ILE A 303 8.02 -8.36 -1.37
CA ILE A 303 9.17 -7.42 -1.52
C ILE A 303 10.43 -8.15 -2.01
N VAL A 304 10.27 -9.41 -2.40
CA VAL A 304 11.32 -10.22 -3.06
C VAL A 304 10.88 -10.44 -4.51
N ASN A 305 11.65 -9.93 -5.45
CA ASN A 305 11.14 -9.52 -6.77
C ASN A 305 12.34 -9.08 -7.61
N PRO A 306 12.33 -9.25 -8.96
CA PRO A 306 13.41 -8.73 -9.79
C PRO A 306 13.54 -7.19 -9.76
N GLN A 307 12.47 -6.49 -9.41
CA GLN A 307 12.40 -5.01 -9.28
C GLN A 307 12.93 -4.59 -7.91
N SER A 308 13.09 -5.55 -6.99
CA SER A 308 13.45 -5.32 -5.56
C SER A 308 14.98 -5.36 -5.36
N VAL A 309 15.51 -4.62 -4.40
CA VAL A 309 16.92 -4.82 -3.95
C VAL A 309 17.08 -6.24 -3.43
N TYR A 310 15.98 -6.89 -3.01
CA TYR A 310 15.99 -8.31 -2.59
C TYR A 310 15.44 -9.17 -3.73
N LYS A 311 16.33 -9.70 -4.55
CA LYS A 311 15.93 -10.57 -5.69
C LYS A 311 15.52 -11.94 -5.17
N THR A 312 16.00 -12.34 -3.98
CA THR A 312 15.71 -13.66 -3.36
C THR A 312 15.41 -13.50 -1.87
N HIS A 313 14.69 -14.46 -1.28
N HIS A 313 14.63 -14.43 -1.32
CA HIS A 313 14.41 -14.50 0.18
CA HIS A 313 14.39 -14.65 0.14
C HIS A 313 15.74 -14.48 0.97
C HIS A 313 15.70 -14.48 0.91
N GLU A 314 16.75 -15.19 0.48
CA GLU A 314 18.12 -15.19 1.05
C GLU A 314 18.65 -13.76 1.15
N GLU A 315 18.45 -12.92 0.14
CA GLU A 315 19.00 -11.55 0.15
C GLU A 315 18.26 -10.75 1.22
N LEU A 316 16.93 -10.92 1.34
CA LEU A 316 16.13 -10.14 2.32
C LEU A 316 16.55 -10.52 3.74
N TRP A 317 16.64 -11.82 4.02
CA TRP A 317 16.82 -12.38 5.38
C TRP A 317 18.26 -12.78 5.65
N ASP A 318 19.15 -12.68 4.67
CA ASP A 318 20.61 -12.96 4.84
C ASP A 318 20.84 -14.38 5.36
N GLY A 319 19.99 -15.34 4.97
CA GLY A 319 20.23 -16.80 5.05
C GLY A 319 19.87 -17.39 6.40
N GLU A 320 19.21 -16.65 7.28
CA GLU A 320 19.07 -17.09 8.70
C GLU A 320 18.20 -18.36 8.78
N LEU A 321 18.53 -19.25 9.74
CA LEU A 321 17.94 -20.61 9.91
C LEU A 321 17.16 -20.67 11.24
N ARG B 14 -10.47 16.11 -31.65
CA ARG B 14 -9.62 16.70 -30.53
C ARG B 14 -10.20 16.40 -29.14
N HIS B 15 -11.50 16.15 -29.07
CA HIS B 15 -12.25 15.86 -27.83
C HIS B 15 -13.29 14.77 -28.11
N PHE B 16 -13.65 14.01 -27.09
CA PHE B 16 -14.89 13.22 -27.07
C PHE B 16 -15.86 13.92 -26.13
N VAL B 17 -17.10 13.48 -26.11
CA VAL B 17 -18.16 14.10 -25.28
C VAL B 17 -18.62 13.06 -24.25
N LEU B 18 -18.59 13.44 -22.99
CA LEU B 18 -19.10 12.60 -21.89
C LEU B 18 -20.63 12.71 -21.84
N ASN B 19 -21.26 11.78 -21.12
CA ASN B 19 -22.73 11.75 -20.96
C ASN B 19 -23.18 12.94 -20.12
N THR B 20 -22.28 13.67 -19.47
CA THR B 20 -22.60 14.94 -18.77
C THR B 20 -22.75 16.11 -19.77
N GLY B 21 -22.26 15.95 -20.99
CA GLY B 21 -22.13 17.03 -21.98
C GLY B 21 -20.75 17.66 -21.98
N ALA B 22 -19.90 17.36 -21.02
CA ALA B 22 -18.54 17.92 -20.94
C ALA B 22 -17.64 17.33 -22.03
N LYS B 23 -16.70 18.10 -22.58
CA LYS B 23 -15.69 17.57 -23.51
C LYS B 23 -14.59 16.91 -22.68
N ILE B 24 -14.07 15.80 -23.17
CA ILE B 24 -12.80 15.22 -22.67
C ILE B 24 -11.79 15.24 -23.81
N PRO B 25 -10.67 15.99 -23.67
CA PRO B 25 -9.64 16.02 -24.70
C PRO B 25 -9.19 14.57 -24.93
N SER B 26 -9.04 14.20 -26.19
CA SER B 26 -8.87 12.78 -26.59
C SER B 26 -7.47 12.29 -26.24
N VAL B 27 -6.50 13.20 -26.03
CA VAL B 27 -5.16 12.84 -25.48
C VAL B 27 -4.98 13.48 -24.11
N GLY B 28 -4.53 12.69 -23.15
CA GLY B 28 -4.15 13.18 -21.83
C GLY B 28 -2.78 12.69 -21.46
N LEU B 29 -2.04 13.48 -20.69
CA LEU B 29 -0.73 13.07 -20.17
C LEU B 29 -0.91 12.07 -19.03
N GLY B 30 -0.40 10.86 -19.18
CA GLY B 30 -0.32 9.92 -18.05
C GLY B 30 0.80 10.33 -17.12
N THR B 31 0.63 10.08 -15.82
CA THR B 31 1.59 10.53 -14.77
C THR B 31 1.99 9.39 -13.83
N TRP B 32 1.55 8.17 -14.10
CA TRP B 32 2.07 6.98 -13.36
C TRP B 32 3.57 6.85 -13.66
N GLN B 33 4.37 6.74 -12.61
CA GLN B 33 5.84 6.54 -12.66
C GLN B 33 6.55 7.80 -13.19
N SER B 34 5.86 8.93 -13.31
CA SER B 34 6.55 10.22 -13.53
C SER B 34 7.05 10.70 -12.15
N ASP B 35 8.36 10.74 -11.94
CA ASP B 35 8.89 10.97 -10.58
C ASP B 35 8.49 12.38 -10.17
N PRO B 36 8.25 12.63 -8.86
CA PRO B 36 7.94 13.98 -8.35
C PRO B 36 8.92 15.04 -8.84
N GLY B 37 10.20 14.71 -8.98
CA GLY B 37 11.26 15.64 -9.41
C GLY B 37 11.08 16.12 -10.84
N VAL B 38 10.38 15.38 -11.69
CA VAL B 38 10.31 15.73 -13.14
C VAL B 38 8.87 15.97 -13.58
N VAL B 39 7.86 15.47 -12.87
CA VAL B 39 6.48 15.47 -13.43
C VAL B 39 6.02 16.92 -13.68
N GLY B 40 6.44 17.87 -12.84
CA GLY B 40 6.02 19.29 -12.99
C GLY B 40 6.45 19.85 -14.33
N ASP B 41 7.70 19.62 -14.71
CA ASP B 41 8.20 20.10 -16.02
C ASP B 41 7.52 19.29 -17.12
N ALA B 42 7.28 17.99 -16.94
CA ALA B 42 6.56 17.17 -17.95
C ALA B 42 5.19 17.81 -18.19
N VAL B 43 4.43 18.13 -17.14
CA VAL B 43 3.07 18.71 -17.23
C VAL B 43 3.16 20.07 -17.96
N TYR B 44 4.11 20.90 -17.57
CA TYR B 44 4.33 22.23 -18.20
C TYR B 44 4.64 22.06 -19.69
N THR B 45 5.57 21.17 -20.05
CA THR B 45 5.98 20.90 -21.45
C THR B 45 4.77 20.42 -22.26
N ALA B 46 4.01 19.47 -21.70
CA ALA B 46 2.82 18.89 -22.32
C ALA B 46 1.81 20.00 -22.64
N VAL B 47 1.47 20.80 -21.65
CA VAL B 47 0.40 21.81 -21.82
C VAL B 47 0.87 22.89 -22.80
N LYS B 48 2.12 23.34 -22.67
CA LYS B 48 2.70 24.28 -23.68
C LYS B 48 2.60 23.65 -25.07
N ALA B 49 2.79 22.34 -25.22
CA ALA B 49 2.75 21.64 -26.53
C ALA B 49 1.31 21.46 -27.04
N GLY B 50 0.29 21.72 -26.21
CA GLY B 50 -1.12 21.62 -26.62
C GLY B 50 -1.91 20.60 -25.84
N TYR B 51 -1.34 19.88 -24.88
CA TYR B 51 -2.15 18.93 -24.07
C TYR B 51 -3.15 19.72 -23.23
N ARG B 52 -4.38 19.20 -23.08
CA ARG B 52 -5.44 19.87 -22.30
C ARG B 52 -6.07 18.89 -21.29
N HIS B 53 -5.36 17.80 -20.98
CA HIS B 53 -5.88 16.68 -20.18
C HIS B 53 -4.70 16.04 -19.46
N ILE B 54 -4.79 15.93 -18.13
CA ILE B 54 -3.75 15.34 -17.26
C ILE B 54 -4.44 14.24 -16.43
N ASP B 55 -3.91 13.03 -16.48
CA ASP B 55 -4.43 11.88 -15.71
C ASP B 55 -3.54 11.67 -14.49
N CYS B 56 -4.16 11.71 -13.31
CA CYS B 56 -3.48 11.72 -11.99
C CYS B 56 -4.08 10.61 -11.11
N ALA B 57 -3.41 10.34 -10.02
CA ALA B 57 -3.97 9.52 -8.93
C ALA B 57 -3.16 9.81 -7.69
N LYS B 58 -3.80 9.77 -6.53
CA LYS B 58 -3.06 9.92 -5.26
C LYS B 58 -1.91 8.92 -5.25
N VAL B 59 -2.17 7.66 -5.67
CA VAL B 59 -1.16 6.58 -5.47
C VAL B 59 0.02 6.72 -6.43
N TYR B 60 0.03 7.69 -7.37
CA TYR B 60 1.23 7.93 -8.21
C TYR B 60 2.27 8.76 -7.45
N GLY B 61 1.88 9.31 -6.31
CA GLY B 61 2.79 9.93 -5.32
C GLY B 61 3.33 11.25 -5.82
N ASN B 62 2.61 11.91 -6.72
CA ASN B 62 3.19 13.11 -7.38
C ASN B 62 2.15 14.21 -7.58
N GLU B 63 1.00 14.16 -6.94
CA GLU B 63 -0.07 15.13 -7.26
C GLU B 63 0.35 16.51 -6.75
N LYS B 64 1.11 16.58 -5.66
CA LYS B 64 1.58 17.90 -5.17
C LYS B 64 2.40 18.59 -6.27
N GLU B 65 3.31 17.86 -6.93
CA GLU B 65 4.20 18.46 -7.96
C GLU B 65 3.39 18.80 -9.22
N ILE B 66 2.40 17.97 -9.55
CA ILE B 66 1.45 18.30 -10.65
C ILE B 66 0.73 19.60 -10.28
N GLY B 67 0.21 19.72 -9.06
CA GLY B 67 -0.47 20.96 -8.59
C GLY B 67 0.39 22.19 -8.77
N LEU B 68 1.67 22.08 -8.49
CA LEU B 68 2.63 23.23 -8.62
C LEU B 68 2.74 23.60 -10.09
N ALA B 69 2.78 22.60 -10.98
CA ALA B 69 2.87 22.83 -12.43
C ALA B 69 1.61 23.52 -12.93
N LEU B 70 0.43 23.04 -12.53
CA LEU B 70 -0.83 23.64 -13.00
C LEU B 70 -0.91 25.10 -12.50
N LYS B 71 -0.53 25.34 -11.26
CA LYS B 71 -0.54 26.70 -10.66
C LYS B 71 0.33 27.64 -11.52
N LYS B 72 1.55 27.22 -11.85
CA LYS B 72 2.48 27.99 -12.72
C LYS B 72 1.81 28.29 -14.07
N LEU B 73 1.22 27.27 -14.71
CA LEU B 73 0.56 27.47 -16.02
C LEU B 73 -0.55 28.52 -15.89
N PHE B 74 -1.38 28.44 -14.85
CA PHE B 74 -2.51 29.39 -14.65
C PHE B 74 -1.95 30.79 -14.34
N GLU B 75 -0.92 30.88 -13.49
CA GLU B 75 -0.33 32.19 -13.06
C GLU B 75 0.28 32.82 -14.31
N GLU B 76 0.94 32.04 -15.16
CA GLU B 76 1.54 32.54 -16.42
C GLU B 76 0.48 32.93 -17.46
N GLY B 77 -0.71 32.33 -17.41
CA GLY B 77 -1.75 32.52 -18.43
C GLY B 77 -1.58 31.63 -19.63
N VAL B 78 -0.81 30.54 -19.53
CA VAL B 78 -0.61 29.61 -20.68
C VAL B 78 -1.98 28.99 -21.02
N VAL B 79 -2.70 28.65 -19.95
CA VAL B 79 -4.11 28.19 -20.00
C VAL B 79 -4.84 28.74 -18.79
N LYS B 80 -6.15 28.60 -18.83
CA LYS B 80 -7.02 28.85 -17.67
C LYS B 80 -7.46 27.48 -17.13
N ARG B 81 -7.94 27.45 -15.90
CA ARG B 81 -8.40 26.17 -15.27
C ARG B 81 -9.42 25.49 -16.18
N GLU B 82 -10.36 26.26 -16.71
CA GLU B 82 -11.46 25.65 -17.50
C GLU B 82 -10.94 25.04 -18.81
N ASP B 83 -9.74 25.38 -19.27
CA ASP B 83 -9.18 24.83 -20.52
C ASP B 83 -8.65 23.40 -20.32
N LEU B 84 -8.44 23.01 -19.07
CA LEU B 84 -7.80 21.71 -18.72
C LEU B 84 -8.84 20.72 -18.22
N PHE B 85 -8.54 19.45 -18.43
CA PHE B 85 -9.34 18.30 -17.99
C PHE B 85 -8.44 17.52 -17.04
N ILE B 86 -8.73 17.60 -15.73
CA ILE B 86 -7.89 16.96 -14.69
C ILE B 86 -8.67 15.81 -14.09
N THR B 87 -8.08 14.63 -14.17
CA THR B 87 -8.62 13.41 -13.56
C THR B 87 -7.80 12.97 -12.34
N SER B 88 -8.46 12.53 -11.29
CA SER B 88 -7.81 11.71 -10.26
C SER B 88 -8.74 10.55 -9.89
N LYS B 89 -8.31 9.76 -8.92
CA LYS B 89 -8.86 8.42 -8.63
C LYS B 89 -8.85 8.17 -7.11
N LEU B 90 -9.98 7.67 -6.68
CA LEU B 90 -10.28 7.19 -5.32
C LEU B 90 -9.54 5.88 -5.17
N TRP B 91 -8.54 5.83 -4.31
CA TRP B 91 -7.76 4.59 -4.04
C TRP B 91 -8.60 3.58 -3.25
N ASN B 92 -8.17 2.34 -3.27
CA ASN B 92 -8.90 1.18 -2.73
C ASN B 92 -9.12 1.32 -1.22
N ASP B 93 -8.30 2.10 -0.53
CA ASP B 93 -8.45 2.16 0.94
C ASP B 93 -9.45 3.26 1.28
N ARG B 94 -10.03 3.99 0.33
CA ARG B 94 -10.90 5.17 0.63
C ARG B 94 -12.34 4.93 0.18
N HIS B 95 -12.75 3.66 0.01
CA HIS B 95 -14.08 3.28 -0.52
C HIS B 95 -15.21 3.54 0.50
N ALA B 96 -14.94 3.58 1.78
CA ALA B 96 -16.01 3.79 2.77
C ALA B 96 -16.71 5.12 2.43
N PRO B 97 -18.05 5.18 2.41
CA PRO B 97 -18.75 6.37 1.96
C PRO B 97 -18.30 7.65 2.65
N GLU B 98 -17.99 7.61 3.96
CA GLU B 98 -17.56 8.84 4.69
C GLU B 98 -16.13 9.22 4.29
N ASP B 99 -15.33 8.29 3.77
CA ASP B 99 -13.93 8.55 3.38
C ASP B 99 -13.85 9.13 1.96
N VAL B 100 -14.84 8.85 1.09
CA VAL B 100 -14.76 9.23 -0.35
C VAL B 100 -14.55 10.74 -0.51
N PRO B 101 -15.43 11.61 0.04
CA PRO B 101 -15.24 13.05 -0.14
C PRO B 101 -13.96 13.60 0.51
N GLU B 102 -13.50 12.98 1.60
CA GLU B 102 -12.23 13.38 2.26
C GLU B 102 -11.05 13.11 1.30
N ALA B 103 -11.04 11.94 0.65
CA ALA B 103 -9.96 11.55 -0.28
C ALA B 103 -9.96 12.52 -1.46
N LEU B 104 -11.15 12.85 -1.96
CA LEU B 104 -11.30 13.80 -3.09
C LEU B 104 -10.74 15.16 -2.64
N ASN B 105 -11.11 15.63 -1.44
CA ASN B 105 -10.60 16.92 -0.90
C ASN B 105 -9.07 16.84 -0.77
N GLU B 106 -8.50 15.68 -0.39
CA GLU B 106 -7.03 15.58 -0.24
C GLU B 106 -6.35 15.73 -1.61
N SER B 107 -6.89 15.16 -2.67
CA SER B 107 -6.32 15.31 -4.05
C SER B 107 -6.52 16.76 -4.54
N LEU B 108 -7.70 17.34 -4.31
CA LEU B 108 -7.92 18.76 -4.65
C LEU B 108 -6.86 19.63 -3.95
N THR B 109 -6.58 19.35 -2.68
CA THR B 109 -5.60 20.14 -1.91
C THR B 109 -4.21 19.99 -2.53
N ASP B 110 -3.78 18.76 -2.87
CA ASP B 110 -2.43 18.53 -3.43
C ASP B 110 -2.32 19.18 -4.82
N LEU B 111 -3.38 19.03 -5.63
CA LEU B 111 -3.40 19.53 -7.03
C LEU B 111 -3.67 21.04 -7.00
N GLN B 112 -4.08 21.56 -5.83
CA GLN B 112 -4.43 22.98 -5.60
C GLN B 112 -5.52 23.38 -6.59
N LEU B 113 -6.58 22.57 -6.67
CA LEU B 113 -7.73 22.77 -7.57
C LEU B 113 -9.00 22.85 -6.71
N ASP B 114 -10.05 23.50 -7.22
CA ASP B 114 -11.36 23.59 -6.54
C ASP B 114 -12.27 22.44 -6.99
N TYR B 115 -11.96 21.83 -8.13
CA TYR B 115 -12.76 20.71 -8.68
C TYR B 115 -11.87 19.86 -9.57
N LEU B 116 -12.27 18.61 -9.74
CA LEU B 116 -11.71 17.70 -10.77
C LEU B 116 -12.72 17.62 -11.90
N ASP B 117 -12.25 17.54 -13.15
CA ASP B 117 -13.10 17.26 -14.32
C ASP B 117 -13.65 15.85 -14.19
N LEU B 118 -12.86 14.94 -13.62
CA LEU B 118 -13.25 13.52 -13.51
C LEU B 118 -12.63 12.92 -12.24
N TYR B 119 -13.47 12.27 -11.46
CA TYR B 119 -13.01 11.45 -10.33
C TYR B 119 -13.48 10.03 -10.56
N LEU B 120 -12.57 9.08 -10.44
CA LEU B 120 -12.79 7.65 -10.79
C LEU B 120 -12.60 6.78 -9.54
N ILE B 121 -13.47 5.80 -9.36
CA ILE B 121 -13.17 4.65 -8.48
C ILE B 121 -12.01 3.95 -9.19
N HIS B 122 -10.83 3.88 -8.57
CA HIS B 122 -9.59 3.39 -9.20
C HIS B 122 -9.71 1.90 -9.54
N TRP B 123 -10.28 1.10 -8.64
CA TRP B 123 -10.45 -0.36 -8.78
C TRP B 123 -11.75 -0.75 -8.11
N PRO B 124 -12.38 -1.84 -8.59
CA PRO B 124 -13.50 -2.49 -7.89
C PRO B 124 -12.97 -3.33 -6.73
N PHE B 125 -12.18 -2.71 -5.88
CA PHE B 125 -11.41 -3.42 -4.83
C PHE B 125 -11.17 -2.45 -3.68
N ARG B 126 -11.22 -3.02 -2.48
CA ARG B 126 -11.27 -2.25 -1.23
C ARG B 126 -10.31 -2.88 -0.19
N VAL B 127 -9.58 -2.02 0.50
CA VAL B 127 -8.82 -2.41 1.72
C VAL B 127 -9.20 -1.43 2.83
N LYS B 128 -8.87 -1.82 4.06
CA LYS B 128 -9.09 -0.98 5.26
C LYS B 128 -8.34 0.33 5.09
N LYS B 129 -8.96 1.43 5.50
CA LYS B 129 -8.39 2.79 5.32
C LYS B 129 -7.01 2.85 5.99
N GLY B 130 -6.03 3.41 5.27
CA GLY B 130 -4.66 3.61 5.76
C GLY B 130 -3.85 2.33 5.76
N THR B 131 -4.34 1.23 5.22
CA THR B 131 -3.57 -0.05 5.24
C THR B 131 -3.00 -0.37 3.86
N ASN B 132 -2.06 -1.30 3.83
CA ASN B 132 -1.34 -1.74 2.60
C ASN B 132 -2.16 -2.84 1.93
N THR B 133 -1.96 -3.02 0.61
CA THR B 133 -2.47 -4.18 -0.13
C THR B 133 -1.81 -5.44 0.42
N SER B 134 -2.56 -6.20 1.17
CA SER B 134 -2.14 -7.46 1.82
C SER B 134 -3.45 -8.11 2.24
N PRO B 135 -3.59 -9.44 2.12
CA PRO B 135 -4.90 -10.08 2.26
C PRO B 135 -5.65 -9.82 3.56
N GLU B 136 -4.96 -9.61 4.67
CA GLU B 136 -5.61 -9.39 5.99
C GLU B 136 -6.35 -8.04 5.95
N ASN B 137 -5.97 -7.14 5.04
CA ASN B 137 -6.56 -5.77 4.96
C ASN B 137 -7.75 -5.71 3.97
N PHE B 138 -8.07 -6.81 3.27
CA PHE B 138 -9.16 -6.81 2.27
C PHE B 138 -10.48 -6.58 2.99
N ILE B 139 -11.32 -5.75 2.37
CA ILE B 139 -12.72 -5.55 2.78
C ILE B 139 -13.56 -5.80 1.53
N THR B 140 -14.60 -6.61 1.63
CA THR B 140 -15.53 -6.80 0.50
C THR B 140 -15.98 -5.44 0.01
N PRO B 141 -15.82 -5.13 -1.30
CA PRO B 141 -16.30 -3.88 -1.85
C PRO B 141 -17.83 -3.79 -1.71
N ASP B 142 -18.29 -2.56 -1.63
CA ASP B 142 -19.71 -2.19 -1.72
C ASP B 142 -19.74 -1.08 -2.76
N ILE B 143 -19.69 -1.47 -4.01
CA ILE B 143 -19.55 -0.49 -5.11
C ILE B 143 -20.77 0.42 -5.12
N PRO B 144 -22.02 -0.06 -4.92
CA PRO B 144 -23.17 0.84 -4.89
C PRO B 144 -23.02 1.91 -3.81
N ALA B 145 -22.51 1.51 -2.63
CA ALA B 145 -22.36 2.43 -1.48
C ALA B 145 -21.27 3.47 -1.78
N THR B 146 -20.12 3.02 -2.26
CA THR B 146 -19.01 3.93 -2.65
C THR B 146 -19.50 4.87 -3.76
N TRP B 147 -20.24 4.35 -4.73
CA TRP B 147 -20.77 5.17 -5.86
C TRP B 147 -21.72 6.25 -5.33
N GLY B 148 -22.60 5.91 -4.40
CA GLY B 148 -23.49 6.92 -3.77
C GLY B 148 -22.67 8.08 -3.26
N ALA B 149 -21.53 7.81 -2.64
CA ALA B 149 -20.64 8.86 -2.11
C ALA B 149 -20.04 9.66 -3.28
N MET B 150 -19.62 8.99 -4.34
CA MET B 150 -19.09 9.63 -5.58
C MET B 150 -20.18 10.58 -6.11
N GLU B 151 -21.44 10.11 -6.12
CA GLU B 151 -22.58 10.89 -6.68
C GLU B 151 -22.72 12.17 -5.86
N LYS B 152 -22.53 12.09 -4.56
CA LYS B 152 -22.62 13.26 -3.67
C LYS B 152 -21.47 14.23 -3.96
N CYS B 153 -20.30 13.73 -4.35
CA CYS B 153 -19.16 14.59 -4.72
C CYS B 153 -19.50 15.32 -6.01
N TYR B 154 -20.22 14.63 -6.89
CA TYR B 154 -20.67 15.16 -8.19
C TYR B 154 -21.72 16.26 -7.98
N ASP B 155 -22.71 15.99 -7.15
CA ASP B 155 -23.76 16.96 -6.74
C ASP B 155 -23.14 18.22 -6.12
N ALA B 156 -22.04 18.08 -5.36
CA ALA B 156 -21.38 19.21 -4.67
C ALA B 156 -20.60 20.03 -5.69
N GLY B 157 -20.27 19.44 -6.83
CA GLY B 157 -19.46 20.08 -7.90
C GLY B 157 -17.97 19.87 -7.72
N LYS B 158 -17.56 19.03 -6.75
CA LYS B 158 -16.13 18.73 -6.48
C LYS B 158 -15.58 17.86 -7.61
N ALA B 159 -16.44 17.01 -8.15
CA ALA B 159 -16.13 16.12 -9.29
C ALA B 159 -17.14 16.43 -10.36
N ARG B 160 -16.70 17.09 -11.44
N ARG B 160 -16.72 17.06 -11.45
CA ARG B 160 -17.61 17.54 -12.52
CA ARG B 160 -17.69 17.52 -12.47
C ARG B 160 -18.21 16.32 -13.23
C ARG B 160 -18.18 16.35 -13.32
N ALA B 161 -17.43 15.26 -13.35
CA ALA B 161 -17.88 13.95 -13.86
C ALA B 161 -17.33 12.93 -12.88
N ILE B 162 -18.05 11.85 -12.67
CA ILE B 162 -17.58 10.68 -11.89
C ILE B 162 -17.58 9.47 -12.81
N GLY B 163 -16.69 8.55 -12.54
CA GLY B 163 -16.55 7.34 -13.36
C GLY B 163 -15.79 6.28 -12.59
N VAL B 164 -15.50 5.21 -13.28
CA VAL B 164 -14.82 4.02 -12.72
C VAL B 164 -13.60 3.71 -13.59
N SER B 165 -12.75 2.85 -13.07
CA SER B 165 -11.53 2.39 -13.73
C SER B 165 -11.39 0.90 -13.45
N ASN B 166 -10.99 0.13 -14.43
CA ASN B 166 -10.78 -1.33 -14.24
C ASN B 166 -12.13 -2.02 -13.94
N PHE B 167 -13.25 -1.52 -14.49
CA PHE B 167 -14.54 -2.26 -14.42
C PHE B 167 -14.81 -2.99 -15.73
N SER B 168 -15.05 -4.29 -15.59
CA SER B 168 -15.54 -5.16 -16.69
C SER B 168 -16.88 -4.62 -17.21
N SER B 169 -17.30 -5.11 -18.38
CA SER B 169 -18.63 -4.88 -18.96
C SER B 169 -19.68 -5.20 -17.91
N LYS B 170 -19.55 -6.36 -17.31
CA LYS B 170 -20.52 -6.83 -16.28
C LYS B 170 -20.55 -5.88 -15.06
N LYS B 171 -19.40 -5.49 -14.50
CA LYS B 171 -19.40 -4.66 -13.29
C LYS B 171 -19.93 -3.26 -13.66
N LEU B 172 -19.53 -2.74 -14.82
CA LEU B 172 -20.04 -1.44 -15.33
C LEU B 172 -21.57 -1.55 -15.50
N GLY B 173 -22.07 -2.59 -16.15
CA GLY B 173 -23.53 -2.84 -16.21
C GLY B 173 -24.22 -2.95 -14.84
N ASP B 174 -23.63 -3.66 -13.88
CA ASP B 174 -24.22 -3.81 -12.53
C ASP B 174 -24.38 -2.43 -11.89
N LEU B 175 -23.42 -1.53 -12.10
CA LEU B 175 -23.45 -0.19 -11.49
C LEU B 175 -24.47 0.69 -12.24
N LEU B 176 -24.44 0.67 -13.58
CA LEU B 176 -25.45 1.36 -14.42
C LEU B 176 -26.89 1.00 -13.98
N ALA B 177 -27.14 -0.24 -13.58
CA ALA B 177 -28.48 -0.77 -13.23
C ALA B 177 -29.01 -0.04 -11.99
N VAL B 178 -28.14 0.47 -11.12
CA VAL B 178 -28.57 1.04 -9.81
C VAL B 178 -28.20 2.51 -9.67
N ALA B 179 -27.27 3.03 -10.48
CA ALA B 179 -26.76 4.40 -10.31
C ALA B 179 -27.86 5.45 -10.54
N ARG B 180 -27.86 6.50 -9.73
CA ARG B 180 -28.61 7.75 -10.03
C ARG B 180 -27.83 8.54 -11.08
N VAL B 181 -26.52 8.70 -10.93
CA VAL B 181 -25.67 9.37 -11.96
C VAL B 181 -24.91 8.26 -12.68
N HIS B 182 -25.07 8.10 -14.00
CA HIS B 182 -24.31 7.06 -14.72
C HIS B 182 -22.83 7.42 -14.63
N PRO B 183 -21.95 6.40 -14.49
CA PRO B 183 -20.53 6.62 -14.73
C PRO B 183 -20.33 7.28 -16.10
N ALA B 184 -19.51 8.35 -16.13
CA ALA B 184 -19.17 9.07 -17.37
C ALA B 184 -18.10 8.31 -18.14
N VAL B 185 -17.22 7.60 -17.42
CA VAL B 185 -15.98 7.03 -17.96
C VAL B 185 -15.71 5.67 -17.30
N ASP B 186 -15.25 4.71 -18.09
CA ASP B 186 -14.55 3.51 -17.65
C ASP B 186 -13.14 3.60 -18.21
N GLN B 187 -12.16 3.84 -17.34
CA GLN B 187 -10.74 3.97 -17.77
C GLN B 187 -10.09 2.60 -17.58
N VAL B 188 -9.65 2.03 -18.68
CA VAL B 188 -9.22 0.61 -18.73
C VAL B 188 -7.97 0.51 -19.60
N GLU B 189 -7.18 -0.52 -19.33
CA GLU B 189 -6.09 -0.89 -20.26
C GLU B 189 -6.70 -1.06 -21.64
N CYS B 190 -6.20 -0.37 -22.62
CA CYS B 190 -6.70 -0.55 -23.99
C CYS B 190 -5.59 -0.13 -24.93
N HIS B 191 -5.19 -1.06 -25.80
CA HIS B 191 -4.11 -0.81 -26.78
C HIS B 191 -4.18 -1.94 -27.80
N PRO B 192 -3.34 -1.94 -28.85
CA PRO B 192 -3.44 -2.96 -29.89
C PRO B 192 -3.31 -4.40 -29.39
N GLY B 193 -2.64 -4.61 -28.25
CA GLY B 193 -2.46 -5.95 -27.66
C GLY B 193 -3.60 -6.31 -26.74
N TRP B 194 -4.51 -5.38 -26.49
CA TRP B 194 -5.65 -5.64 -25.58
C TRP B 194 -6.79 -4.71 -26.01
N GLN B 195 -7.51 -5.11 -27.06
CA GLN B 195 -8.30 -4.15 -27.88
C GLN B 195 -9.68 -3.92 -27.24
N GLN B 196 -10.11 -4.73 -26.25
CA GLN B 196 -11.32 -4.41 -25.43
C GLN B 196 -12.57 -4.29 -26.31
N THR B 197 -12.71 -5.05 -27.39
CA THR B 197 -13.91 -4.99 -28.28
C THR B 197 -15.20 -5.20 -27.48
N LYS B 198 -15.22 -6.17 -26.58
CA LYS B 198 -16.44 -6.42 -25.78
C LYS B 198 -16.84 -5.15 -25.01
N LEU B 199 -15.92 -4.59 -24.21
CA LEU B 199 -16.22 -3.43 -23.35
C LEU B 199 -16.43 -2.19 -24.22
N HIS B 200 -15.70 -2.05 -25.33
CA HIS B 200 -15.90 -0.97 -26.32
C HIS B 200 -17.38 -0.97 -26.75
N ASN B 201 -17.89 -2.13 -27.15
CA ASN B 201 -19.28 -2.24 -27.63
C ASN B 201 -20.26 -1.90 -26.50
N PHE B 202 -19.96 -2.39 -25.30
CA PHE B 202 -20.82 -2.21 -24.12
C PHE B 202 -20.90 -0.72 -23.80
N CYS B 203 -19.74 -0.06 -23.77
CA CYS B 203 -19.64 1.38 -23.41
C CYS B 203 -20.41 2.18 -24.46
N GLN B 204 -20.20 1.87 -25.73
CA GLN B 204 -20.90 2.53 -26.85
C GLN B 204 -22.43 2.35 -26.70
N SER B 205 -22.91 1.15 -26.33
CA SER B 205 -24.37 0.90 -26.17
C SER B 205 -24.97 1.65 -24.96
N THR B 206 -24.17 2.09 -23.99
CA THR B 206 -24.67 2.65 -22.71
C THR B 206 -24.25 4.11 -22.50
N GLY B 207 -23.55 4.71 -23.47
CA GLY B 207 -23.11 6.12 -23.41
C GLY B 207 -21.99 6.36 -22.41
N VAL B 208 -21.25 5.32 -22.03
CA VAL B 208 -20.06 5.47 -21.15
C VAL B 208 -18.85 5.66 -22.07
N HIS B 209 -17.99 6.60 -21.73
CA HIS B 209 -16.77 6.87 -22.52
C HIS B 209 -15.69 5.91 -22.04
N LEU B 210 -14.96 5.31 -22.97
CA LEU B 210 -13.82 4.44 -22.66
C LEU B 210 -12.52 5.23 -22.83
N THR B 211 -11.79 5.42 -21.72
CA THR B 211 -10.45 6.03 -21.73
C THR B 211 -9.44 4.89 -21.71
N ALA B 212 -8.54 4.89 -22.67
CA ALA B 212 -7.48 3.86 -22.76
C ALA B 212 -6.28 4.27 -21.92
N TYR B 213 -6.04 3.55 -20.83
CA TYR B 213 -4.76 3.64 -20.09
C TYR B 213 -3.79 2.63 -20.67
N SER B 214 -2.50 2.83 -20.41
CA SER B 214 -1.39 2.05 -21.00
C SER B 214 -1.60 1.90 -22.50
N PRO B 215 -1.90 3.00 -23.23
CA PRO B 215 -2.15 2.90 -24.66
C PRO B 215 -0.94 2.49 -25.53
N LEU B 216 0.27 2.54 -24.97
CA LEU B 216 1.48 2.01 -25.64
C LEU B 216 1.81 0.63 -25.10
N GLY B 217 1.01 0.05 -24.22
CA GLY B 217 1.37 -1.19 -23.51
C GLY B 217 2.36 -0.97 -22.37
N SER B 218 2.49 0.25 -21.86
CA SER B 218 3.34 0.54 -20.68
C SER B 218 4.71 -0.15 -20.79
N PRO B 219 5.47 0.08 -21.89
CA PRO B 219 6.72 -0.63 -22.11
C PRO B 219 7.83 -0.33 -21.10
N GLY B 220 7.72 0.74 -20.31
CA GLY B 220 8.65 1.08 -19.23
C GLY B 220 8.35 0.31 -17.94
N THR B 221 7.24 -0.40 -17.86
CA THR B 221 6.87 -1.13 -16.63
C THR B 221 7.39 -2.58 -16.72
N THR B 222 8.48 -2.87 -16.01
CA THR B 222 9.23 -4.15 -16.13
C THR B 222 8.28 -5.31 -15.77
N TRP B 223 7.46 -5.18 -14.73
CA TRP B 223 6.60 -6.32 -14.32
C TRP B 223 5.45 -6.55 -15.29
N MET B 224 5.13 -5.63 -16.19
CA MET B 224 4.00 -5.82 -17.13
C MET B 224 4.45 -6.55 -18.41
N ASN B 225 5.70 -6.44 -18.82
CA ASN B 225 6.22 -7.24 -19.95
C ASN B 225 5.44 -6.93 -21.25
N GLY B 226 5.09 -5.66 -21.49
CA GLY B 226 4.42 -5.19 -22.73
C GLY B 226 5.29 -5.37 -23.97
N ASN B 227 4.71 -5.76 -25.08
CA ASN B 227 5.41 -5.94 -26.38
C ASN B 227 4.76 -5.08 -27.47
N VAL B 228 3.90 -4.13 -27.13
CA VAL B 228 2.91 -3.60 -28.11
C VAL B 228 3.63 -2.84 -29.22
N LEU B 229 4.62 -2.02 -28.90
CA LEU B 229 5.28 -1.16 -29.91
C LEU B 229 6.22 -1.98 -30.79
N LYS B 230 6.46 -3.23 -30.41
CA LYS B 230 7.34 -4.15 -31.18
C LYS B 230 6.51 -5.21 -31.93
N GLU B 231 5.20 -5.15 -31.90
CA GLU B 231 4.36 -6.11 -32.65
C GLU B 231 4.59 -5.92 -34.14
N PRO B 232 4.94 -7.00 -34.89
CA PRO B 232 5.09 -6.94 -36.34
C PRO B 232 4.01 -6.10 -37.06
N VAL B 233 2.76 -6.24 -36.65
CA VAL B 233 1.66 -5.52 -37.35
C VAL B 233 1.88 -4.02 -37.17
N ILE B 234 2.26 -3.59 -35.95
CA ILE B 234 2.41 -2.15 -35.61
C ILE B 234 3.65 -1.63 -36.34
N ILE B 235 4.72 -2.41 -36.33
CA ILE B 235 6.02 -2.05 -36.99
C ILE B 235 5.74 -1.80 -38.49
N SER B 236 4.98 -2.69 -39.11
CA SER B 236 4.70 -2.69 -40.56
C SER B 236 3.82 -1.48 -40.91
N ILE B 237 2.73 -1.28 -40.18
CA ILE B 237 1.81 -0.13 -40.44
C ILE B 237 2.60 1.17 -40.24
N ALA B 238 3.42 1.25 -39.17
CA ALA B 238 4.15 2.50 -38.85
C ALA B 238 5.09 2.80 -40.02
N GLU B 239 5.75 1.79 -40.57
CA GLU B 239 6.67 1.99 -41.71
C GLU B 239 5.85 2.48 -42.91
N LYS B 240 4.72 1.85 -43.20
CA LYS B 240 3.90 2.22 -44.37
C LYS B 240 3.41 3.66 -44.23
N LEU B 241 2.99 4.07 -43.05
CA LEU B 241 2.36 5.39 -42.88
C LEU B 241 3.41 6.47 -42.63
N GLY B 242 4.67 6.09 -42.46
CA GLY B 242 5.74 7.02 -42.09
C GLY B 242 5.46 7.66 -40.74
N LYS B 243 4.92 6.87 -39.80
CA LYS B 243 4.66 7.30 -38.40
C LYS B 243 5.43 6.38 -37.46
N THR B 244 5.49 6.71 -36.18
CA THR B 244 6.15 5.84 -35.18
C THR B 244 5.17 4.78 -34.77
N PRO B 245 5.67 3.63 -34.29
CA PRO B 245 4.83 2.62 -33.62
C PRO B 245 3.87 3.21 -32.59
N ALA B 246 4.35 4.09 -31.73
CA ALA B 246 3.52 4.74 -30.69
C ALA B 246 2.40 5.55 -31.35
N GLN B 247 2.70 6.28 -32.43
CA GLN B 247 1.68 7.09 -33.15
C GLN B 247 0.59 6.16 -33.67
N VAL B 248 0.99 5.02 -34.22
CA VAL B 248 0.01 4.07 -34.80
C VAL B 248 -0.85 3.53 -33.65
N ALA B 249 -0.22 3.11 -32.55
CA ALA B 249 -0.94 2.54 -31.40
C ALA B 249 -1.97 3.56 -30.86
N LEU B 250 -1.56 4.82 -30.73
CA LEU B 250 -2.43 5.89 -30.22
C LEU B 250 -3.57 6.15 -31.20
N ARG B 251 -3.24 6.36 -32.47
CA ARG B 251 -4.24 6.72 -33.50
C ARG B 251 -5.29 5.60 -33.59
N TRP B 252 -4.89 4.35 -33.44
CA TRP B 252 -5.81 3.19 -33.50
C TRP B 252 -6.89 3.42 -32.44
N ASN B 253 -6.49 3.82 -31.22
CA ASN B 253 -7.43 4.04 -30.11
C ASN B 253 -8.32 5.24 -30.42
N ILE B 254 -7.73 6.32 -30.94
CA ILE B 254 -8.50 7.56 -31.28
C ILE B 254 -9.59 7.17 -32.28
N GLN B 255 -9.25 6.36 -33.29
CA GLN B 255 -10.23 5.97 -34.33
C GLN B 255 -11.32 5.10 -33.71
N MET B 256 -11.10 4.45 -32.57
CA MET B 256 -12.17 3.68 -31.89
C MET B 256 -13.06 4.61 -31.06
N GLY B 257 -12.75 5.89 -31.00
CA GLY B 257 -13.45 6.87 -30.15
C GLY B 257 -13.04 6.76 -28.68
N HIS B 258 -11.83 6.29 -28.41
CA HIS B 258 -11.28 6.18 -27.04
C HIS B 258 -10.29 7.32 -26.84
N SER B 259 -10.39 8.00 -25.70
CA SER B 259 -9.30 8.88 -25.23
C SER B 259 -8.11 7.99 -24.90
N VAL B 260 -6.91 8.55 -24.94
CA VAL B 260 -5.64 7.87 -24.63
C VAL B 260 -4.83 8.70 -23.64
N LEU B 261 -4.05 8.02 -22.79
CA LEU B 261 -3.30 8.62 -21.68
C LEU B 261 -1.81 8.34 -21.82
N PRO B 262 -1.19 8.62 -22.98
CA PRO B 262 0.22 8.27 -23.16
C PRO B 262 1.02 9.00 -22.08
N LYS B 263 1.88 8.24 -21.38
CA LYS B 263 2.78 8.78 -20.35
C LYS B 263 4.16 8.96 -20.95
N SER B 264 4.73 10.15 -20.79
CA SER B 264 6.16 10.42 -21.03
C SER B 264 6.61 11.57 -20.14
N THR B 265 7.90 11.60 -19.82
CA THR B 265 8.58 12.75 -19.21
C THR B 265 9.53 13.38 -20.23
N ASN B 266 9.54 12.88 -21.47
CA ASN B 266 10.51 13.25 -22.53
C ASN B 266 9.80 14.17 -23.53
N GLU B 267 10.33 15.37 -23.75
CA GLU B 267 9.65 16.42 -24.57
C GLU B 267 9.32 15.89 -25.97
N GLU B 268 10.24 15.22 -26.68
CA GLU B 268 9.95 14.80 -28.07
C GLU B 268 8.83 13.76 -28.09
N ARG B 269 8.84 12.83 -27.16
CA ARG B 269 7.76 11.81 -27.07
C ARG B 269 6.46 12.50 -26.68
N ILE B 270 6.50 13.41 -25.72
CA ILE B 270 5.28 14.17 -25.33
C ILE B 270 4.70 14.83 -26.59
N LYS B 271 5.54 15.49 -27.39
CA LYS B 271 5.06 16.18 -28.61
C LYS B 271 4.46 15.16 -29.56
N GLN B 272 5.15 14.04 -29.77
CA GLN B 272 4.75 13.07 -30.81
C GLN B 272 3.46 12.38 -30.38
N ASN B 273 3.25 12.27 -29.07
CA ASN B 273 2.09 11.55 -28.51
C ASN B 273 0.82 12.39 -28.74
N LEU B 274 0.98 13.69 -29.03
CA LEU B 274 -0.17 14.57 -29.37
C LEU B 274 -0.36 14.63 -30.89
N ASP B 275 0.57 14.07 -31.67
CA ASP B 275 0.56 14.16 -33.16
C ASP B 275 -0.22 12.99 -33.73
N VAL B 276 -1.52 12.96 -33.43
CA VAL B 276 -2.40 11.80 -33.67
C VAL B 276 -3.70 12.29 -34.28
N TYR B 277 -3.70 13.47 -34.89
CA TYR B 277 -4.96 14.11 -35.35
C TYR B 277 -5.02 14.39 -36.86
N ASP B 278 -3.93 14.77 -37.52
CA ASP B 278 -4.07 15.27 -38.91
C ASP B 278 -3.79 14.16 -39.92
N TRP B 279 -3.74 12.90 -39.48
CA TRP B 279 -3.52 11.73 -40.36
C TRP B 279 -4.33 10.57 -39.79
N SER B 280 -4.46 9.49 -40.53
CA SER B 280 -5.31 8.36 -40.10
C SER B 280 -4.66 7.05 -40.54
N ILE B 281 -5.15 5.97 -39.95
CA ILE B 281 -4.87 4.58 -40.39
C ILE B 281 -5.98 4.21 -41.36
N PRO B 282 -5.65 3.87 -42.62
CA PRO B 282 -6.66 3.46 -43.59
C PRO B 282 -7.30 2.11 -43.24
N ASP B 283 -8.51 1.87 -43.73
CA ASP B 283 -9.30 0.66 -43.40
C ASP B 283 -8.52 -0.63 -43.73
N ASP B 284 -7.74 -0.66 -44.82
CA ASP B 284 -7.00 -1.87 -45.25
C ASP B 284 -5.91 -2.21 -44.22
N LEU B 285 -5.36 -1.24 -43.50
CA LEU B 285 -4.33 -1.53 -42.47
C LEU B 285 -5.04 -1.81 -41.12
N LEU B 286 -6.18 -1.16 -40.83
CA LEU B 286 -7.01 -1.50 -39.64
C LEU B 286 -7.35 -2.99 -39.65
N ALA B 287 -7.48 -3.60 -40.83
CA ALA B 287 -7.79 -5.04 -40.98
C ALA B 287 -6.70 -5.87 -40.31
N LYS B 288 -5.44 -5.41 -40.23
CA LYS B 288 -4.33 -6.22 -39.68
C LYS B 288 -4.37 -6.28 -38.14
N PHE B 289 -5.02 -5.35 -37.46
CA PHE B 289 -5.03 -5.30 -35.97
C PHE B 289 -5.58 -6.59 -35.35
N SER B 290 -6.50 -7.29 -36.01
CA SER B 290 -7.10 -8.55 -35.51
C SER B 290 -6.03 -9.65 -35.48
N GLU B 291 -4.91 -9.47 -36.19
CA GLU B 291 -3.80 -10.46 -36.23
C GLU B 291 -2.93 -10.33 -34.98
N ILE B 292 -3.04 -9.26 -34.19
CA ILE B 292 -2.16 -9.09 -33.02
C ILE B 292 -2.66 -10.00 -31.88
N LYS B 293 -1.79 -10.83 -31.33
CA LYS B 293 -2.08 -11.64 -30.13
C LYS B 293 -2.62 -10.70 -29.04
N GLN B 294 -3.63 -11.14 -28.32
CA GLN B 294 -4.33 -10.36 -27.28
C GLN B 294 -3.95 -10.91 -25.91
N ALA B 295 -3.35 -10.05 -25.09
CA ALA B 295 -2.93 -10.34 -23.70
C ALA B 295 -3.18 -9.11 -22.83
N ARG B 296 -3.99 -9.28 -21.80
CA ARG B 296 -4.16 -8.25 -20.75
C ARG B 296 -2.85 -8.17 -19.96
N LEU B 297 -2.26 -6.98 -19.87
CA LEU B 297 -0.92 -6.75 -19.25
C LEU B 297 -1.03 -6.38 -17.77
N LEU B 298 -2.03 -5.57 -17.41
CA LEU B 298 -2.21 -5.11 -16.01
C LEU B 298 -3.33 -5.94 -15.38
N ARG B 299 -2.97 -7.09 -14.82
CA ARG B 299 -3.93 -8.21 -14.65
C ARG B 299 -4.59 -8.18 -13.27
N GLY B 300 -4.08 -7.37 -12.33
CA GLY B 300 -4.64 -7.31 -10.96
C GLY B 300 -4.18 -8.47 -10.09
N ASN B 301 -2.95 -8.95 -10.27
CA ASN B 301 -2.45 -10.17 -9.55
C ASN B 301 -2.52 -9.97 -8.04
N ASP B 302 -2.32 -8.76 -7.55
CA ASP B 302 -2.21 -8.52 -6.10
C ASP B 302 -3.60 -8.55 -5.44
N ILE B 303 -4.70 -8.48 -6.19
CA ILE B 303 -6.10 -8.48 -5.63
C ILE B 303 -6.83 -9.75 -6.06
N VAL B 304 -6.10 -10.71 -6.62
CA VAL B 304 -6.64 -12.06 -6.97
C VAL B 304 -5.98 -13.01 -5.98
N ASN B 305 -6.78 -13.67 -5.15
CA ASN B 305 -6.28 -14.31 -3.92
C ASN B 305 -7.41 -15.18 -3.39
N PRO B 306 -7.13 -16.28 -2.66
CA PRO B 306 -8.19 -17.07 -2.04
C PRO B 306 -9.01 -16.25 -1.05
N GLN B 307 -8.42 -15.19 -0.48
CA GLN B 307 -9.07 -14.38 0.58
C GLN B 307 -9.62 -13.07 -0.01
N SER B 308 -9.55 -12.93 -1.32
CA SER B 308 -10.17 -11.83 -2.05
C SER B 308 -11.58 -12.20 -2.51
N VAL B 309 -12.41 -11.18 -2.72
CA VAL B 309 -13.70 -11.23 -3.45
C VAL B 309 -13.46 -11.82 -4.86
N TYR B 310 -12.27 -11.65 -5.42
CA TYR B 310 -11.84 -12.24 -6.72
C TYR B 310 -10.88 -13.40 -6.42
N LYS B 311 -11.39 -14.62 -6.46
CA LYS B 311 -10.58 -15.86 -6.33
C LYS B 311 -9.74 -16.05 -7.59
N THR B 312 -10.19 -15.53 -8.72
CA THR B 312 -9.51 -15.71 -10.04
C THR B 312 -9.49 -14.40 -10.84
N HIS B 313 -8.59 -14.35 -11.82
CA HIS B 313 -8.55 -13.24 -12.80
C HIS B 313 -9.87 -13.18 -13.54
N GLU B 314 -10.45 -14.36 -13.86
CA GLU B 314 -11.76 -14.42 -14.56
C GLU B 314 -12.85 -13.74 -13.71
N GLU B 315 -12.84 -13.86 -12.37
CA GLU B 315 -13.85 -13.18 -11.53
C GLU B 315 -13.61 -11.66 -11.52
N LEU B 316 -12.35 -11.24 -11.34
CA LEU B 316 -12.01 -9.79 -11.36
C LEU B 316 -12.51 -9.18 -12.66
N TRP B 317 -12.25 -9.82 -13.80
CA TRP B 317 -12.50 -9.22 -15.14
C TRP B 317 -13.79 -9.76 -15.77
N ASP B 318 -14.55 -10.56 -15.03
CA ASP B 318 -15.78 -11.23 -15.51
C ASP B 318 -15.51 -11.78 -16.90
N GLY B 319 -14.47 -12.60 -16.98
CA GLY B 319 -14.16 -13.38 -18.18
C GLY B 319 -13.44 -12.57 -19.23
N GLU B 320 -13.20 -11.27 -19.01
CA GLU B 320 -12.57 -10.42 -20.06
C GLU B 320 -11.05 -10.61 -20.01
N LEU B 321 -10.50 -11.69 -20.60
CA LEU B 321 -9.05 -12.09 -20.55
C LEU B 321 -8.55 -12.75 -21.85
PA NDP C . -0.11 -13.57 17.19
O1A NDP C . 0.95 -14.60 17.05
O2A NDP C . -0.13 -12.64 18.37
O5B NDP C . -1.52 -14.33 17.10
C5B NDP C . -2.73 -13.59 17.09
C4B NDP C . -3.84 -14.57 16.84
O4B NDP C . -3.90 -15.52 17.93
C3B NDP C . -5.25 -13.95 16.76
O3B NDP C . -5.96 -14.70 15.80
C2B NDP C . -5.81 -14.14 18.16
O2B NDP C . -7.25 -14.28 18.12
C1B NDP C . -5.16 -15.46 18.56
N9A NDP C . -4.93 -15.63 19.99
C8A NDP C . -4.49 -14.68 20.87
N7A NDP C . -4.35 -15.13 22.08
C5A NDP C . -4.65 -16.48 22.00
C6A NDP C . -4.65 -17.53 22.96
N6A NDP C . -4.31 -17.36 24.23
N1A NDP C . -5.01 -18.77 22.54
C2A NDP C . -5.34 -18.94 21.24
N3A NDP C . -5.38 -18.04 20.26
C4A NDP C . -5.02 -16.81 20.71
O3 NDP C . -0.16 -12.75 15.81
PN NDP C . 0.26 -11.34 15.17
O1N NDP C . -0.83 -10.35 15.40
O2N NDP C . 0.71 -11.71 13.80
O5D NDP C . 1.60 -10.94 15.98
C5D NDP C . 1.46 -10.20 17.21
C4D NDP C . 1.71 -8.73 16.96
O4D NDP C . 3.07 -8.51 16.52
C3D NDP C . 0.87 -8.03 15.90
O3D NDP C . -0.50 -7.88 16.26
C2D NDP C . 1.70 -6.75 15.75
O2D NDP C . 1.48 -5.81 16.81
C1D NDP C . 3.14 -7.33 15.78
N1N NDP C . 3.67 -7.68 14.42
C2N NDP C . 4.63 -6.91 13.83
C3N NDP C . 5.16 -7.20 12.62
C7N NDP C . 6.30 -6.40 12.11
O7N NDP C . 7.02 -5.71 12.87
N7N NDP C . 6.52 -6.53 10.82
C4N NDP C . 4.55 -8.25 11.82
C5N NDP C . 3.63 -9.08 12.57
C6N NDP C . 3.19 -8.77 13.76
P2B NDP C . -8.14 -13.39 19.14
O1X NDP C . -7.94 -11.99 18.78
O2X NDP C . -7.75 -13.75 20.53
O3X NDP C . -9.53 -13.93 18.82
PA NDP D . 1.99 4.01 -21.60
O1A NDP D . 1.29 2.95 -22.39
O2A NDP D . 1.52 5.42 -21.72
O5B NDP D . 3.54 3.93 -21.93
C5B NDP D . 4.48 4.78 -21.26
C4B NDP D . 5.86 4.25 -21.53
O4B NDP D . 6.13 4.43 -22.94
C3B NDP D . 7.02 4.91 -20.79
O3B NDP D . 8.03 3.93 -20.55
C2B NDP D . 7.45 5.99 -21.77
O2B NDP D . 8.84 6.26 -21.57
C1B NDP D . 7.24 5.29 -23.11
N9A NDP D . 6.90 6.15 -24.24
C8A NDP D . 6.12 7.29 -24.20
N7A NDP D . 5.91 7.82 -25.38
C5A NDP D . 6.65 7.02 -26.24
C6A NDP D . 6.85 7.08 -27.63
N6A NDP D . 6.34 8.03 -28.41
N1A NDP D . 7.65 6.14 -28.20
C2A NDP D . 8.17 5.20 -27.39
N3A NDP D . 8.03 5.03 -26.08
C4A NDP D . 7.24 5.98 -25.56
O3 NDP D . 1.96 3.56 -20.07
PN NDP D . 1.19 3.85 -18.68
O1N NDP D . 1.01 2.52 -18.01
O2N NDP D . 1.93 4.90 -17.91
O5D NDP D . -0.24 4.37 -19.15
C5D NDP D . -0.52 5.77 -19.36
C4D NDP D . -1.26 6.35 -18.18
O4D NDP D . -2.50 5.66 -17.93
C3D NDP D . -0.58 6.23 -16.82
O3D NDP D . 0.59 7.04 -16.80
C2D NDP D . -1.75 6.63 -15.93
O2D NDP D . -1.99 8.02 -16.02
C1D NDP D . -2.87 5.84 -16.59
N1N NDP D . -3.05 4.50 -15.97
C2N NDP D . -4.14 4.25 -15.20
C3N NDP D . -4.37 3.03 -14.67
C7N NDP D . -5.63 2.78 -13.91
O7N NDP D . -6.61 3.54 -14.02
N7N NDP D . -5.59 1.71 -13.16
C4N NDP D . -3.36 2.00 -14.83
C5N NDP D . -2.32 2.29 -15.75
C6N NDP D . -2.14 3.49 -16.21
P2B NDP D . 9.27 7.74 -21.01
O1X NDP D . 8.32 8.17 -19.94
O2X NDP D . 9.35 8.71 -22.18
O3X NDP D . 10.65 7.40 -20.44
#